data_7XYU
#
_entry.id   7XYU
#
_cell.length_a   67.779
_cell.length_b   67.779
_cell.length_c   418.181
_cell.angle_alpha   90.000
_cell.angle_beta   90.000
_cell.angle_gamma   120.000
#
_symmetry.space_group_name_H-M   'P 61'
#
loop_
_entity.id
_entity.type
_entity.pdbx_description
1 polymer 'Protein zer-1 homolog'
2 water water
#
_entity_poly.entity_id   1
_entity_poly.type   'polypeptide(L)'
_entity_poly.pdbx_seq_one_letter_code
;TFLHKMGFVVTMLKLIQKKLLDKTCDQVMEFSWSALWNITDETPDNCEMFLNFNGMKLFLDCLKEFPEKQELHRNMLGLL
GNVAEVKELRPQLMTSQFISVFSNLLESKADGIEVSYNACGVLSHIMFDGPEAWGVCEPQREEVEERMWAAIQSWDINSR
RNINYRSFEPILRLLPQGISPVSQHWATWALYNLVSVYPDKYCPLLIKEGGMPLLRDIIKMATARQETKEMARKVIEHCS
NFKEENMDTSR
;
_entity_poly.pdbx_strand_id   B,A,C,D
#
# COMPACT_ATOMS: atom_id res chain seq x y z
N THR A 1 -23.08 -0.17 -14.58
CA THR A 1 -24.10 0.88 -14.62
C THR A 1 -23.51 2.15 -14.00
N PHE A 2 -24.00 3.32 -14.43
CA PHE A 2 -23.56 4.59 -13.90
C PHE A 2 -24.55 5.66 -14.35
N LEU A 3 -24.30 6.90 -13.93
CA LEU A 3 -25.07 8.05 -14.37
C LEU A 3 -24.24 9.31 -14.15
N HIS A 4 -24.11 10.14 -15.19
CA HIS A 4 -23.51 11.47 -15.08
C HIS A 4 -24.50 12.49 -15.64
N LYS A 5 -25.08 13.30 -14.77
CA LYS A 5 -25.96 14.40 -15.12
C LYS A 5 -25.19 15.69 -14.87
N MET A 6 -25.54 16.74 -15.62
CA MET A 6 -24.77 17.98 -15.57
C MET A 6 -24.93 18.74 -14.25
N GLY A 7 -26.05 18.58 -13.53
CA GLY A 7 -26.14 19.19 -12.22
C GLY A 7 -24.98 18.81 -11.31
N PHE A 8 -24.44 17.61 -11.52
CA PHE A 8 -23.37 17.07 -10.67
C PHE A 8 -22.09 17.91 -10.74
N VAL A 9 -21.63 18.26 -11.95
CA VAL A 9 -20.45 19.14 -12.07
C VAL A 9 -20.69 20.47 -11.36
N VAL A 10 -21.89 21.04 -11.55
CA VAL A 10 -22.21 22.32 -10.92
C VAL A 10 -22.07 22.24 -9.41
N THR A 11 -22.67 21.21 -8.81
CA THR A 11 -22.58 21.06 -7.35
C THR A 11 -21.14 20.86 -6.92
N MET A 12 -20.34 20.14 -7.71
CA MET A 12 -18.95 19.90 -7.35
C MET A 12 -18.15 21.19 -7.36
N LEU A 13 -18.40 22.04 -8.35
CA LEU A 13 -17.69 23.30 -8.41
C LEU A 13 -18.18 24.26 -7.35
N LYS A 14 -19.42 24.13 -6.90
CA LYS A 14 -19.89 24.98 -5.80
C LYS A 14 -19.20 24.59 -4.49
N LEU A 15 -19.08 23.28 -4.23
CA LEU A 15 -18.40 22.85 -3.03
C LEU A 15 -16.91 23.20 -3.09
N ILE A 16 -16.29 23.08 -4.27
CA ILE A 16 -14.91 23.50 -4.44
C ILE A 16 -14.76 24.99 -4.13
N GLN A 17 -15.66 25.82 -4.66
CA GLN A 17 -15.58 27.25 -4.39
C GLN A 17 -15.67 27.53 -2.90
N LYS A 18 -16.56 26.80 -2.22
CA LYS A 18 -16.70 26.99 -0.78
C LYS A 18 -15.43 26.63 -0.05
N LYS A 19 -14.87 25.45 -0.35
CA LYS A 19 -13.68 25.03 0.35
C LYS A 19 -12.47 25.84 -0.06
N LEU A 20 -12.61 26.64 -1.13
CA LEU A 20 -11.57 27.59 -1.47
C LEU A 20 -11.70 28.86 -0.64
N LEU A 21 -12.92 29.32 -0.42
CA LEU A 21 -13.11 30.50 0.42
C LEU A 21 -12.90 30.17 1.89
N ASP A 22 -12.91 28.89 2.25
CA ASP A 22 -12.50 28.45 3.57
C ASP A 22 -11.01 28.19 3.64
N LYS A 23 -10.29 28.37 2.54
CA LYS A 23 -8.87 28.08 2.43
C LYS A 23 -8.58 26.71 3.03
N THR A 24 -9.32 25.72 2.57
CA THR A 24 -9.21 24.36 3.08
C THR A 24 -9.08 23.42 1.89
N CYS A 25 -7.91 22.85 1.71
CA CYS A 25 -7.73 21.77 0.73
C CYS A 25 -7.84 20.45 1.47
N ASP A 26 -9.07 20.16 1.88
CA ASP A 26 -9.33 18.97 2.65
C ASP A 26 -9.49 17.79 1.70
N GLN A 27 -9.72 16.61 2.28
CA GLN A 27 -9.93 15.42 1.46
C GLN A 27 -11.12 15.60 0.53
N VAL A 28 -12.16 16.29 1.00
CA VAL A 28 -13.36 16.49 0.20
C VAL A 28 -13.11 17.38 -1.03
N MET A 29 -12.13 18.28 -0.98
CA MET A 29 -11.92 19.13 -2.15
C MET A 29 -11.16 18.39 -3.24
N GLU A 30 -10.09 17.67 -2.87
CA GLU A 30 -9.44 16.77 -3.81
C GLU A 30 -10.44 15.77 -4.33
N PHE A 31 -11.44 15.45 -3.51
CA PHE A 31 -12.47 14.50 -3.91
C PHE A 31 -13.41 15.09 -4.96
N SER A 32 -13.86 16.32 -4.74
CA SER A 32 -14.66 17.02 -5.76
C SER A 32 -13.91 17.09 -7.09
N TRP A 33 -12.63 17.43 -7.04
CA TRP A 33 -11.87 17.52 -8.29
C TRP A 33 -11.73 16.15 -8.95
N SER A 34 -11.48 15.10 -8.17
CA SER A 34 -11.43 13.76 -8.73
C SER A 34 -12.78 13.33 -9.30
N ALA A 35 -13.87 13.78 -8.67
CA ALA A 35 -15.21 13.44 -9.17
C ALA A 35 -15.47 14.12 -10.50
N LEU A 36 -15.07 15.39 -10.63
CA LEU A 36 -15.17 16.05 -11.93
C LEU A 36 -14.32 15.36 -12.97
N TRP A 37 -13.10 14.96 -12.59
CA TRP A 37 -12.22 14.19 -13.45
C TRP A 37 -12.92 12.93 -13.97
N ASN A 38 -13.49 12.14 -13.06
CA ASN A 38 -14.16 10.91 -13.46
C ASN A 38 -15.39 11.19 -14.32
N ILE A 39 -16.17 12.21 -13.95
CA ILE A 39 -17.44 12.47 -14.61
C ILE A 39 -17.23 12.99 -16.02
N THR A 40 -16.10 13.65 -16.29
CA THR A 40 -15.86 14.20 -17.61
C THR A 40 -15.30 13.19 -18.61
N ASP A 41 -14.95 11.99 -18.17
CA ASP A 41 -14.29 11.03 -19.05
C ASP A 41 -15.15 10.69 -20.27
N GLU A 42 -14.66 11.08 -21.45
CA GLU A 42 -15.32 10.83 -22.72
C GLU A 42 -16.80 11.22 -22.73
N THR A 43 -17.11 12.35 -22.07
CA THR A 43 -18.46 12.91 -22.05
C THR A 43 -18.34 14.42 -22.25
N PRO A 44 -18.44 14.90 -23.50
CA PRO A 44 -18.21 16.33 -23.77
C PRO A 44 -19.18 17.28 -23.07
N ASP A 45 -20.41 16.86 -22.78
CA ASP A 45 -21.37 17.76 -22.15
C ASP A 45 -20.89 18.23 -20.79
N ASN A 46 -20.25 17.35 -20.03
CA ASN A 46 -19.81 17.73 -18.70
C ASN A 46 -18.55 18.57 -18.74
N CYS A 47 -17.70 18.40 -19.76
CA CYS A 47 -16.60 19.34 -19.94
C CYS A 47 -17.12 20.72 -20.33
N GLU A 48 -18.16 20.75 -21.17
CA GLU A 48 -18.78 22.01 -21.54
C GLU A 48 -19.35 22.74 -20.32
N MET A 49 -20.04 22.03 -19.43
CA MET A 49 -20.57 22.74 -18.26
C MET A 49 -19.50 23.06 -17.24
N PHE A 50 -18.46 22.25 -17.15
CA PHE A 50 -17.35 22.65 -16.29
C PHE A 50 -16.81 24.00 -16.78
N LEU A 51 -16.65 24.13 -18.10
CA LEU A 51 -16.20 25.40 -18.66
C LEU A 51 -17.18 26.53 -18.35
N ASN A 52 -18.47 26.27 -18.46
CA ASN A 52 -19.46 27.34 -18.33
C ASN A 52 -19.72 27.75 -16.88
N PHE A 53 -19.41 26.90 -15.91
CA PHE A 53 -19.65 27.20 -14.49
C PHE A 53 -18.41 27.75 -13.77
N ASN A 54 -17.65 28.64 -14.39
CA ASN A 54 -16.40 29.18 -13.85
C ASN A 54 -15.46 28.08 -13.37
N GLY A 55 -15.18 27.13 -14.26
CA GLY A 55 -14.23 26.08 -13.90
C GLY A 55 -12.77 26.46 -13.98
N MET A 56 -12.41 27.27 -14.98
CA MET A 56 -11.01 27.66 -15.14
C MET A 56 -10.57 28.58 -14.01
N LYS A 57 -11.47 29.43 -13.53
CA LYS A 57 -11.14 30.32 -12.43
C LYS A 57 -10.93 29.55 -11.13
N LEU A 58 -11.75 28.53 -10.89
CA LEU A 58 -11.55 27.71 -9.70
C LEU A 58 -10.29 26.85 -9.82
N PHE A 59 -10.00 26.38 -11.03
CA PHE A 59 -8.72 25.70 -11.29
C PHE A 59 -7.54 26.59 -10.90
N LEU A 60 -7.48 27.79 -11.47
CA LEU A 60 -6.36 28.68 -11.20
C LEU A 60 -6.31 29.09 -9.72
N ASP A 61 -7.46 29.32 -9.10
CA ASP A 61 -7.45 29.77 -7.71
C ASP A 61 -7.01 28.66 -6.76
N CYS A 62 -7.32 27.41 -7.07
CA CYS A 62 -6.84 26.32 -6.22
C CYS A 62 -5.39 25.99 -6.52
N LEU A 63 -4.94 26.27 -7.76
CA LEU A 63 -3.51 26.29 -8.03
C LEU A 63 -2.82 27.31 -7.12
N LYS A 64 -3.44 28.47 -6.94
CA LYS A 64 -2.81 29.58 -6.26
C LYS A 64 -2.77 29.41 -4.73
N GLU A 65 -3.89 28.94 -4.11
CA GLU A 65 -3.99 28.78 -2.64
C GLU A 65 -3.37 27.50 -2.11
N PHE A 66 -3.16 26.51 -2.99
CA PHE A 66 -2.57 25.26 -2.60
C PHE A 66 -1.48 24.92 -3.61
N PRO A 67 -0.33 25.58 -3.51
CA PRO A 67 0.72 25.42 -4.52
C PRO A 67 1.44 24.09 -4.40
N GLU A 68 1.32 23.41 -3.26
CA GLU A 68 2.02 22.15 -3.00
C GLU A 68 1.04 21.09 -2.52
N LYS A 69 -0.14 21.04 -3.14
CA LYS A 69 -1.11 19.97 -2.95
C LYS A 69 -1.05 19.08 -4.19
N GLN A 70 -0.11 18.14 -4.18
CA GLN A 70 0.24 17.37 -5.37
C GLN A 70 -0.97 16.65 -5.97
N GLU A 71 -1.76 15.97 -5.12
CA GLU A 71 -2.84 15.13 -5.64
C GLU A 71 -3.99 15.98 -6.16
N LEU A 72 -4.16 17.19 -5.60
CA LEU A 72 -5.13 18.13 -6.15
C LEU A 72 -4.77 18.52 -7.57
N HIS A 73 -3.52 18.90 -7.79
CA HIS A 73 -3.07 19.27 -9.13
C HIS A 73 -3.22 18.10 -10.08
N ARG A 74 -2.87 16.89 -9.62
CA ARG A 74 -3.08 15.68 -10.43
C ARG A 74 -4.53 15.58 -10.89
N ASN A 75 -5.48 15.65 -9.95
CA ASN A 75 -6.89 15.51 -10.30
C ASN A 75 -7.35 16.62 -11.25
N MET A 76 -6.95 17.86 -10.96
CA MET A 76 -7.35 18.98 -11.81
C MET A 76 -6.84 18.79 -13.23
N LEU A 77 -5.60 18.32 -13.37
CA LEU A 77 -5.01 18.18 -14.69
C LEU A 77 -5.59 16.98 -15.44
N GLY A 78 -6.00 15.93 -14.73
CA GLY A 78 -6.73 14.86 -15.40
C GLY A 78 -8.07 15.34 -15.94
N LEU A 79 -8.80 16.10 -15.11
CA LEU A 79 -10.04 16.73 -15.57
C LEU A 79 -9.80 17.57 -16.82
N LEU A 80 -8.76 18.40 -16.78
CA LEU A 80 -8.52 19.29 -17.91
C LEU A 80 -8.03 18.55 -19.14
N GLY A 81 -7.33 17.42 -18.98
CA GLY A 81 -7.04 16.58 -20.12
C GLY A 81 -8.31 16.08 -20.77
N ASN A 82 -9.25 15.60 -19.95
CA ASN A 82 -10.54 15.19 -20.48
C ASN A 82 -11.22 16.34 -21.22
N VAL A 83 -11.11 17.55 -20.67
CA VAL A 83 -11.73 18.71 -21.31
C VAL A 83 -11.03 19.04 -22.61
N ALA A 84 -9.71 18.83 -22.68
CA ALA A 84 -8.95 19.13 -23.88
C ALA A 84 -9.25 18.14 -24.99
N GLU A 85 -9.77 16.96 -24.66
CA GLU A 85 -10.04 15.98 -25.71
C GLU A 85 -11.28 16.30 -26.55
N VAL A 86 -12.08 17.30 -26.17
CA VAL A 86 -13.23 17.73 -26.98
C VAL A 86 -12.74 18.95 -27.74
N LYS A 87 -12.50 18.84 -29.04
CA LYS A 87 -11.76 19.94 -29.68
C LYS A 87 -12.61 21.17 -29.90
N GLU A 88 -13.92 21.02 -30.10
CA GLU A 88 -14.68 22.25 -30.31
C GLU A 88 -14.70 23.10 -29.05
N LEU A 89 -14.34 22.52 -27.90
CA LEU A 89 -14.20 23.29 -26.67
C LEU A 89 -12.78 23.77 -26.43
N ARG A 90 -11.82 23.34 -27.25
CA ARG A 90 -10.42 23.73 -27.12
C ARG A 90 -10.16 25.20 -27.43
N PRO A 91 -10.97 25.86 -28.27
CA PRO A 91 -10.81 27.32 -28.41
C PRO A 91 -10.87 28.06 -27.08
N GLN A 92 -11.65 27.58 -26.11
CA GLN A 92 -11.74 28.29 -24.85
C GLN A 92 -10.48 28.14 -24.02
N LEU A 93 -9.57 27.24 -24.41
CA LEU A 93 -8.29 27.06 -23.74
C LEU A 93 -7.16 27.79 -24.44
N MET A 94 -7.48 28.59 -25.47
CA MET A 94 -6.46 29.28 -26.21
C MET A 94 -6.45 30.76 -25.81
N THR A 95 -5.97 30.98 -24.59
CA THR A 95 -5.62 32.27 -24.06
C THR A 95 -4.21 32.19 -23.50
N SER A 96 -3.51 33.33 -23.48
CA SER A 96 -2.11 33.30 -23.09
C SER A 96 -1.95 32.94 -21.62
N GLN A 97 -2.99 33.15 -20.82
CA GLN A 97 -2.94 32.79 -19.41
C GLN A 97 -3.10 31.29 -19.21
N PHE A 98 -4.06 30.68 -19.93
CA PHE A 98 -4.25 29.24 -19.85
C PHE A 98 -3.02 28.49 -20.36
N ILE A 99 -2.51 28.89 -21.52
CA ILE A 99 -1.36 28.21 -22.11
C ILE A 99 -0.11 28.47 -21.28
N SER A 100 0.02 29.67 -20.71
CA SER A 100 1.13 29.96 -19.83
C SER A 100 1.13 29.01 -18.64
N VAL A 101 -0.03 28.86 -17.98
CA VAL A 101 -0.12 27.98 -16.82
C VAL A 101 0.16 26.54 -17.20
N PHE A 102 -0.42 26.09 -18.32
CA PHE A 102 -0.17 24.74 -18.80
C PHE A 102 1.32 24.48 -18.96
N SER A 103 2.01 25.36 -19.70
CA SER A 103 3.44 25.17 -19.94
C SER A 103 4.26 25.30 -18.67
N ASN A 104 3.81 26.11 -17.72
CA ASN A 104 4.54 26.23 -16.47
C ASN A 104 4.35 25.00 -15.59
N LEU A 105 3.31 24.20 -15.85
CA LEU A 105 3.14 22.94 -15.14
C LEU A 105 3.80 21.75 -15.83
N LEU A 106 4.61 21.97 -16.86
CA LEU A 106 5.36 20.87 -17.45
C LEU A 106 6.51 20.38 -16.58
N GLU A 107 6.85 21.09 -15.50
CA GLU A 107 7.97 20.70 -14.64
C GLU A 107 7.52 20.34 -13.24
N SER A 108 6.23 20.17 -13.01
CA SER A 108 5.74 19.83 -11.68
C SER A 108 6.14 18.41 -11.32
N LYS A 109 6.89 18.24 -10.24
CA LYS A 109 7.21 16.91 -9.74
C LYS A 109 6.09 16.35 -8.87
N ALA A 110 4.91 16.97 -8.90
CA ALA A 110 3.77 16.46 -8.16
C ALA A 110 3.33 15.11 -8.70
N ASP A 111 2.95 14.22 -7.78
CA ASP A 111 2.60 12.82 -8.06
C ASP A 111 3.40 12.22 -9.20
N GLY A 112 4.72 12.30 -9.12
CA GLY A 112 5.56 11.70 -10.13
C GLY A 112 5.64 12.53 -11.38
N ILE A 113 4.98 12.04 -12.43
CA ILE A 113 4.88 12.73 -13.71
C ILE A 113 3.47 13.20 -14.02
N GLU A 114 2.48 12.85 -13.20
CA GLU A 114 1.07 12.97 -13.59
C GLU A 114 0.73 14.39 -14.02
N VAL A 115 1.15 15.39 -13.24
CA VAL A 115 0.81 16.77 -13.60
C VAL A 115 1.49 17.15 -14.91
N SER A 116 2.76 16.79 -15.08
CA SER A 116 3.45 17.12 -16.33
C SER A 116 2.88 16.33 -17.50
N TYR A 117 2.59 15.04 -17.28
CA TYR A 117 1.99 14.22 -18.32
C TYR A 117 0.64 14.79 -18.77
N ASN A 118 -0.20 15.21 -17.81
CA ASN A 118 -1.52 15.70 -18.15
C ASN A 118 -1.46 17.07 -18.81
N ALA A 119 -0.58 17.96 -18.33
CA ALA A 119 -0.38 19.24 -19.00
C ALA A 119 0.09 19.03 -20.44
N CYS A 120 1.00 18.05 -20.63
CA CYS A 120 1.52 17.81 -21.98
C CYS A 120 0.47 17.16 -22.86
N GLY A 121 -0.43 16.37 -22.27
CA GLY A 121 -1.54 15.84 -23.05
C GLY A 121 -2.53 16.91 -23.46
N VAL A 122 -2.85 17.82 -22.54
CA VAL A 122 -3.70 18.96 -22.87
C VAL A 122 -3.09 19.75 -24.02
N LEU A 123 -1.79 20.04 -23.93
CA LEU A 123 -1.16 20.83 -24.97
C LEU A 123 -1.01 20.05 -26.26
N SER A 124 -0.90 18.71 -26.19
CA SER A 124 -0.84 17.92 -27.41
C SER A 124 -2.19 17.91 -28.11
N HIS A 125 -3.28 17.77 -27.35
CA HIS A 125 -4.59 17.88 -27.96
C HIS A 125 -4.79 19.28 -28.50
N ILE A 126 -4.22 20.30 -27.86
CA ILE A 126 -4.37 21.64 -28.41
C ILE A 126 -3.54 21.79 -29.69
N MET A 127 -2.41 21.11 -29.80
CA MET A 127 -1.64 21.19 -31.04
C MET A 127 -2.23 20.39 -32.18
N PHE A 128 -3.03 19.36 -31.88
CA PHE A 128 -3.59 18.57 -32.99
C PHE A 128 -4.50 19.40 -33.87
N ASP A 129 -5.06 20.48 -33.35
CA ASP A 129 -5.96 21.29 -34.18
C ASP A 129 -5.21 22.11 -35.24
N GLY A 130 -3.90 22.10 -35.23
CA GLY A 130 -3.18 22.70 -36.26
C GLY A 130 -2.53 23.99 -35.82
N PRO A 131 -1.55 24.44 -36.61
CA PRO A 131 -0.86 25.69 -36.30
C PRO A 131 -1.70 26.96 -36.47
N GLU A 132 -2.77 26.93 -37.26
CA GLU A 132 -3.61 28.10 -37.43
C GLU A 132 -4.29 28.56 -36.13
N ALA A 133 -4.66 27.64 -35.24
CA ALA A 133 -5.62 27.90 -34.18
C ALA A 133 -5.02 28.51 -32.91
N TRP A 134 -3.80 29.03 -32.91
CA TRP A 134 -3.23 29.70 -31.74
C TRP A 134 -3.01 31.17 -32.10
N GLY A 135 -4.06 31.97 -31.96
CA GLY A 135 -3.96 33.37 -32.26
C GLY A 135 -3.45 34.17 -31.09
N VAL A 136 -3.00 33.46 -30.05
CA VAL A 136 -2.09 34.01 -29.06
C VAL A 136 -0.74 34.28 -29.73
N CYS A 137 -0.10 35.38 -29.34
CA CYS A 137 1.25 35.67 -29.78
C CYS A 137 2.30 35.24 -28.76
N GLU A 138 2.04 35.41 -27.46
CA GLU A 138 2.97 34.97 -26.42
C GLU A 138 2.15 34.33 -25.30
N PRO A 139 2.55 33.14 -24.79
CA PRO A 139 3.74 32.38 -25.19
C PRO A 139 3.68 31.92 -26.63
N GLN A 140 4.76 31.36 -27.13
CA GLN A 140 4.82 31.02 -28.53
C GLN A 140 4.82 29.51 -28.67
N ARG A 141 4.28 29.06 -29.78
CA ARG A 141 4.05 27.63 -29.94
C ARG A 141 5.35 26.84 -30.00
N GLU A 142 6.41 27.39 -30.61
CA GLU A 142 7.59 26.55 -30.69
C GLU A 142 8.35 26.53 -29.37
N GLU A 143 8.11 27.53 -28.53
CA GLU A 143 8.71 27.65 -27.20
C GLU A 143 8.22 26.47 -26.33
N VAL A 144 6.87 26.25 -26.23
CA VAL A 144 6.44 25.13 -25.39
C VAL A 144 6.33 23.84 -26.18
N GLU A 145 6.50 23.87 -27.52
CA GLU A 145 6.77 22.64 -28.25
C GLU A 145 8.09 22.04 -27.79
N GLU A 146 9.13 22.88 -27.75
CA GLU A 146 10.42 22.44 -27.23
C GLU A 146 10.31 22.05 -25.76
N ARG A 147 9.56 22.83 -24.97
CA ARG A 147 9.38 22.50 -23.56
C ARG A 147 8.69 21.15 -23.40
N MET A 148 7.81 20.78 -24.33
CA MET A 148 7.14 19.49 -24.29
C MET A 148 8.09 18.35 -24.61
N TRP A 149 8.96 18.54 -25.62
CA TRP A 149 9.99 17.53 -25.84
C TRP A 149 10.82 17.31 -24.58
N ALA A 150 11.18 18.40 -23.90
CA ALA A 150 11.95 18.27 -22.67
C ALA A 150 11.18 17.50 -21.62
N ALA A 151 9.88 17.78 -21.49
CA ALA A 151 9.06 17.05 -20.53
C ALA A 151 8.97 15.56 -20.88
N ILE A 152 8.87 15.24 -22.18
CA ILE A 152 8.64 13.86 -22.56
C ILE A 152 9.88 13.00 -22.33
N GLN A 153 11.08 13.58 -22.49
CA GLN A 153 12.23 12.77 -22.09
C GLN A 153 12.63 12.98 -20.64
N SER A 154 11.98 13.91 -19.93
CA SER A 154 12.14 13.96 -18.49
C SER A 154 11.66 12.66 -17.85
N TRP A 155 10.49 12.20 -18.25
CA TRP A 155 9.81 11.16 -17.50
C TRP A 155 10.52 9.82 -17.64
N ASP A 156 10.64 9.10 -16.52
CA ASP A 156 11.15 7.74 -16.52
C ASP A 156 10.13 6.84 -17.23
N ILE A 157 10.60 6.06 -18.20
CA ILE A 157 9.68 5.27 -19.01
C ILE A 157 9.18 4.03 -18.30
N ASN A 158 9.69 3.76 -17.10
CA ASN A 158 9.15 2.72 -16.25
C ASN A 158 8.50 3.29 -14.98
N SER A 159 8.21 4.59 -14.98
CA SER A 159 7.43 5.21 -13.93
C SER A 159 6.11 4.47 -13.71
N ARG A 160 5.80 4.19 -12.44
CA ARG A 160 4.44 3.80 -12.11
C ARG A 160 3.52 5.02 -12.18
N ARG A 161 2.23 4.75 -12.34
CA ARG A 161 1.29 5.81 -12.70
C ARG A 161 0.10 5.82 -11.76
N ASN A 162 -0.58 6.98 -11.75
CA ASN A 162 -1.85 7.15 -11.06
C ASN A 162 -2.87 7.64 -12.08
N ILE A 163 -3.20 6.77 -13.04
CA ILE A 163 -4.10 7.11 -14.13
C ILE A 163 -4.73 5.82 -14.63
N ASN A 164 -5.87 5.94 -15.32
CA ASN A 164 -6.57 4.79 -15.89
C ASN A 164 -7.16 5.19 -17.23
N TYR A 165 -7.14 4.23 -18.17
CA TYR A 165 -7.69 4.43 -19.50
C TYR A 165 -8.78 3.40 -19.77
N ARG A 166 -9.98 3.87 -20.10
CA ARG A 166 -11.05 2.99 -20.58
C ARG A 166 -11.00 2.77 -22.08
N SER A 167 -10.42 3.73 -22.78
CA SER A 167 -10.24 3.60 -24.24
C SER A 167 -8.93 4.31 -24.61
N PHE A 168 -8.27 3.84 -25.65
CA PHE A 168 -7.03 4.51 -26.13
C PHE A 168 -7.34 5.34 -27.36
N GLU A 169 -8.57 5.30 -27.85
CA GLU A 169 -8.97 6.05 -29.08
C GLU A 169 -8.60 7.53 -28.99
N PRO A 170 -8.91 8.30 -27.91
CA PRO A 170 -8.46 9.67 -27.80
C PRO A 170 -6.96 9.90 -28.07
N ILE A 171 -6.11 8.89 -27.85
CA ILE A 171 -4.64 8.99 -28.04
C ILE A 171 -4.31 8.46 -29.43
N LEU A 172 -5.13 7.55 -29.91
CA LEU A 172 -4.82 6.89 -31.21
C LEU A 172 -5.29 7.78 -32.37
N ARG A 173 -5.91 8.91 -32.05
CA ARG A 173 -6.27 9.88 -33.12
C ARG A 173 -5.15 10.91 -33.21
N LEU A 174 -4.31 11.00 -32.18
CA LEU A 174 -3.13 11.89 -32.19
C LEU A 174 -2.00 11.10 -32.83
N PRO A 176 -1.29 9.11 -36.12
CA PRO A 176 -1.98 8.86 -37.39
C PRO A 176 -2.11 10.11 -38.27
N GLN A 177 -1.33 11.14 -37.97
CA GLN A 177 -1.42 12.43 -38.70
C GLN A 177 -0.02 12.91 -39.05
N GLY A 178 0.15 14.14 -39.55
CA GLY A 178 1.47 14.68 -39.77
C GLY A 178 1.52 16.15 -39.41
N ILE A 179 0.38 16.68 -38.96
CA ILE A 179 0.25 18.10 -38.67
C ILE A 179 0.98 18.52 -37.40
N SER A 180 1.18 17.60 -36.44
CA SER A 180 1.89 17.93 -35.20
C SER A 180 2.66 16.71 -34.71
N PRO A 181 3.96 16.62 -35.01
CA PRO A 181 4.74 15.43 -34.59
C PRO A 181 4.88 15.24 -33.09
N VAL A 182 4.80 16.30 -32.28
CA VAL A 182 5.07 16.13 -30.85
C VAL A 182 3.84 15.58 -30.12
N SER A 183 2.63 15.95 -30.55
CA SER A 183 1.42 15.25 -30.11
C SER A 183 1.56 13.76 -30.34
N GLN A 184 1.92 13.40 -31.57
CA GLN A 184 2.10 12.01 -31.98
C GLN A 184 3.12 11.31 -31.11
N HIS A 185 4.22 12.01 -30.81
CA HIS A 185 5.26 11.46 -29.94
C HIS A 185 4.76 11.23 -28.53
N TRP A 186 3.97 12.18 -28.00
CA TRP A 186 3.41 12.03 -26.66
C TRP A 186 2.47 10.83 -26.62
N ALA A 187 1.70 10.65 -27.69
CA ALA A 187 0.80 9.51 -27.77
C ALA A 187 1.59 8.20 -27.73
N THR A 188 2.65 8.11 -28.53
CA THR A 188 3.48 6.92 -28.54
C THR A 188 4.14 6.68 -27.19
N TRP A 189 4.58 7.75 -26.54
CA TRP A 189 5.18 7.64 -25.21
C TRP A 189 4.19 7.08 -24.20
N ALA A 190 2.97 7.62 -24.21
CA ALA A 190 1.94 7.15 -23.28
C ALA A 190 1.70 5.66 -23.47
N LEU A 191 1.51 5.24 -24.72
CA LEU A 191 1.30 3.82 -24.98
C LEU A 191 2.48 2.99 -24.49
N TYR A 192 3.71 3.45 -24.76
CA TYR A 192 4.89 2.68 -24.39
C TYR A 192 5.00 2.51 -22.89
N ASN A 193 4.86 3.61 -22.14
CA ASN A 193 4.89 3.55 -20.69
C ASN A 193 3.84 2.61 -20.15
N LEU A 194 2.60 2.75 -20.65
CA LEU A 194 1.49 2.06 -20.02
C LEU A 194 1.49 0.56 -20.30
N VAL A 195 2.03 0.13 -21.45
CA VAL A 195 2.15 -1.32 -21.64
C VAL A 195 3.49 -1.85 -21.12
N SER A 196 4.52 -0.99 -20.98
CA SER A 196 5.74 -1.39 -20.31
C SER A 196 5.51 -1.69 -18.83
N VAL A 197 4.61 -0.96 -18.17
CA VAL A 197 4.46 -1.08 -16.74
C VAL A 197 3.17 -1.80 -16.36
N TYR A 198 2.11 -1.69 -17.17
CA TYR A 198 0.88 -2.45 -16.98
C TYR A 198 0.54 -3.20 -18.27
N PRO A 199 1.31 -4.26 -18.61
CA PRO A 199 1.06 -4.97 -19.87
C PRO A 199 -0.24 -5.74 -19.86
N ASP A 200 -0.47 -6.48 -18.78
CA ASP A 200 -1.67 -7.30 -18.65
C ASP A 200 -2.91 -6.44 -18.82
N LYS A 201 -2.79 -5.14 -18.54
CA LYS A 201 -3.92 -4.23 -18.56
C LYS A 201 -4.11 -3.52 -19.90
N TYR A 202 -3.02 -3.12 -20.55
CA TYR A 202 -3.12 -2.19 -21.65
C TYR A 202 -2.75 -2.77 -23.00
N CYS A 203 -2.05 -3.90 -23.05
CA CYS A 203 -1.81 -4.41 -24.39
C CYS A 203 -3.07 -5.09 -24.94
N PRO A 204 -3.90 -5.75 -24.13
CA PRO A 204 -5.23 -6.14 -24.63
C PRO A 204 -6.08 -4.96 -25.09
N LEU A 205 -6.09 -3.84 -24.35
CA LEU A 205 -6.86 -2.69 -24.79
C LEU A 205 -6.29 -2.12 -26.09
N LEU A 206 -4.96 -2.08 -26.21
CA LEU A 206 -4.34 -1.53 -27.41
C LEU A 206 -4.61 -2.41 -28.64
N ILE A 207 -4.37 -3.71 -28.53
CA ILE A 207 -4.69 -4.61 -29.63
C ILE A 207 -6.17 -4.52 -29.99
N LYS A 208 -7.04 -4.54 -28.97
CA LYS A 208 -8.48 -4.50 -29.18
C LYS A 208 -8.90 -3.33 -30.08
N GLU A 209 -8.43 -2.13 -29.76
CA GLU A 209 -8.81 -0.92 -30.47
C GLU A 209 -7.96 -0.65 -31.70
N GLY A 210 -7.14 -1.62 -32.12
CA GLY A 210 -6.40 -1.49 -33.36
C GLY A 210 -5.25 -0.53 -33.33
N GLY A 211 -4.45 -0.56 -32.25
CA GLY A 211 -3.31 0.33 -32.17
C GLY A 211 -2.14 -0.13 -33.02
N MET A 212 -2.01 -1.45 -33.21
CA MET A 212 -0.88 -1.99 -33.96
C MET A 212 -0.84 -1.53 -35.41
N PRO A 213 -1.93 -1.53 -36.17
CA PRO A 213 -1.83 -0.98 -37.54
C PRO A 213 -1.38 0.46 -37.57
N LEU A 214 -1.81 1.28 -36.61
CA LEU A 214 -1.43 2.68 -36.62
C LEU A 214 0.04 2.87 -36.23
N LEU A 215 0.52 2.10 -35.27
CA LEU A 215 1.94 2.16 -34.92
C LEU A 215 2.81 1.68 -36.09
N ARG A 216 2.40 0.60 -36.76
CA ARG A 216 3.13 0.16 -37.95
C ARG A 216 3.12 1.26 -39.02
N ASP A 217 1.98 1.91 -39.23
CA ASP A 217 1.90 3.00 -40.19
C ASP A 217 2.80 4.16 -39.78
N ILE A 218 3.02 4.36 -38.48
CA ILE A 218 3.90 5.42 -38.03
C ILE A 218 5.35 5.06 -38.29
N ILE A 219 5.67 3.77 -38.23
CA ILE A 219 7.00 3.36 -38.65
C ILE A 219 7.15 3.41 -40.17
N LYS A 220 6.04 3.37 -40.91
CA LYS A 220 6.15 3.31 -42.36
C LYS A 220 5.97 4.65 -43.06
N MET A 221 5.96 5.77 -42.35
CA MET A 221 5.80 7.07 -42.98
C MET A 221 7.12 7.81 -42.87
N ALA A 222 7.62 8.29 -44.01
CA ALA A 222 8.93 8.95 -44.03
C ALA A 222 8.90 10.28 -43.30
N THR A 223 7.75 10.97 -43.33
CA THR A 223 7.61 12.22 -42.60
C THR A 223 7.69 12.04 -41.10
N ALA A 224 7.60 10.82 -40.59
CA ALA A 224 7.55 10.64 -39.15
C ALA A 224 8.97 10.74 -38.62
N ARG A 225 9.11 11.50 -37.53
CA ARG A 225 10.39 11.64 -36.84
C ARG A 225 10.77 10.29 -36.17
N GLN A 226 12.06 9.97 -36.24
CA GLN A 226 12.57 8.60 -36.09
C GLN A 226 12.54 8.12 -34.63
N GLU A 227 12.40 9.01 -33.65
CA GLU A 227 12.42 8.62 -32.26
C GLU A 227 11.03 8.12 -31.90
N THR A 228 10.02 8.70 -32.58
CA THR A 228 8.66 8.18 -32.52
C THR A 228 8.57 6.82 -33.20
N LYS A 229 9.35 6.62 -34.27
CA LYS A 229 9.34 5.31 -34.91
C LYS A 229 10.03 4.27 -34.04
N GLU A 230 11.10 4.66 -33.35
CA GLU A 230 11.71 3.77 -32.35
C GLU A 230 10.70 3.41 -31.26
N MET A 231 10.04 4.42 -30.68
CA MET A 231 9.11 4.13 -29.59
C MET A 231 7.92 3.31 -30.07
N ALA A 232 7.50 3.49 -31.32
CA ALA A 232 6.41 2.68 -31.88
C ALA A 232 6.85 1.23 -32.12
N ARG A 233 8.06 1.03 -32.65
CA ARG A 233 8.58 -0.31 -32.81
C ARG A 233 8.69 -0.99 -31.47
N LYS A 234 8.95 -0.20 -30.44
CA LYS A 234 9.10 -0.70 -29.07
C LYS A 234 7.78 -1.07 -28.44
N VAL A 235 6.74 -0.28 -28.68
CA VAL A 235 5.42 -0.67 -28.22
C VAL A 235 4.97 -1.92 -28.96
N ILE A 236 5.21 -1.98 -30.27
CA ILE A 236 4.83 -3.16 -31.04
C ILE A 236 5.53 -4.41 -30.51
N GLU A 237 6.81 -4.29 -30.15
CA GLU A 237 7.54 -5.45 -29.70
C GLU A 237 7.08 -5.90 -28.30
N HIS A 238 6.78 -4.95 -27.41
CA HIS A 238 6.25 -5.34 -26.11
C HIS A 238 4.89 -6.02 -26.25
N CYS A 239 4.00 -5.48 -27.09
CA CYS A 239 2.69 -6.08 -27.24
C CYS A 239 2.76 -7.43 -27.96
N SER A 240 3.66 -7.58 -28.93
CA SER A 240 3.81 -8.85 -29.62
C SER A 240 4.42 -9.90 -28.72
N ASN A 241 5.33 -9.51 -27.82
CA ASN A 241 5.82 -10.46 -26.83
C ASN A 241 4.73 -10.81 -25.83
N PHE A 242 3.80 -9.89 -25.57
CA PHE A 242 2.67 -10.20 -24.72
C PHE A 242 1.75 -11.25 -25.35
N LYS A 243 1.38 -11.05 -26.62
CA LYS A 243 0.51 -12.00 -27.29
C LYS A 243 1.16 -13.37 -27.43
N GLU A 244 2.49 -13.40 -27.54
CA GLU A 244 3.27 -14.61 -27.72
C GLU A 244 3.72 -15.17 -26.37
N THR B 1 21.91 -0.04 12.60
CA THR B 1 22.83 -1.14 12.41
C THR B 1 22.86 -2.02 13.67
N PHE B 2 23.30 -3.27 13.53
CA PHE B 2 23.32 -4.19 14.67
C PHE B 2 24.27 -5.35 14.34
N LEU B 3 24.40 -6.27 15.31
CA LEU B 3 25.24 -7.45 15.14
C LEU B 3 24.78 -8.55 16.08
N HIS B 4 24.68 -9.78 15.57
CA HIS B 4 24.34 -10.96 16.37
C HIS B 4 25.47 -11.97 16.25
N LYS B 5 26.21 -12.18 17.33
CA LYS B 5 27.23 -13.20 17.43
C LYS B 5 26.76 -14.31 18.36
N MET B 6 27.24 -15.54 18.13
CA MET B 6 26.79 -16.66 18.94
C MET B 6 27.26 -16.52 20.39
N GLY B 7 28.42 -15.89 20.59
CA GLY B 7 28.88 -15.60 21.94
C GLY B 7 27.87 -14.81 22.75
N PHE B 8 27.13 -13.91 22.09
CA PHE B 8 26.14 -13.11 22.81
C PHE B 8 25.03 -14.00 23.36
N VAL B 9 24.51 -14.91 22.52
CA VAL B 9 23.51 -15.88 22.96
C VAL B 9 24.04 -16.70 24.12
N VAL B 10 25.24 -17.27 23.96
CA VAL B 10 25.80 -18.14 24.99
C VAL B 10 25.94 -17.39 26.31
N THR B 11 26.50 -16.18 26.27
CA THR B 11 26.67 -15.39 27.47
C THR B 11 25.33 -15.06 28.11
N MET B 12 24.30 -14.83 27.29
CA MET B 12 22.99 -14.53 27.87
C MET B 12 22.46 -15.73 28.63
N LEU B 13 22.63 -16.93 28.06
CA LEU B 13 22.15 -18.11 28.76
C LEU B 13 22.98 -18.41 30.00
N LYS B 14 24.26 -18.05 29.97
CA LYS B 14 25.11 -18.22 31.14
C LYS B 14 24.72 -17.24 32.24
N LEU B 15 24.45 -15.99 31.88
CA LEU B 15 24.05 -14.99 32.86
C LEU B 15 22.70 -15.33 33.47
N ILE B 16 21.75 -15.78 32.63
CA ILE B 16 20.46 -16.22 33.14
C ILE B 16 20.64 -17.39 34.12
N GLN B 17 21.45 -18.38 33.74
CA GLN B 17 21.66 -19.53 34.62
C GLN B 17 22.28 -19.11 35.94
N LYS B 18 23.29 -18.23 35.89
CA LYS B 18 23.95 -17.79 37.12
C LYS B 18 23.00 -17.00 38.01
N LYS B 19 22.23 -16.07 37.43
CA LYS B 19 21.28 -15.33 38.25
C LYS B 19 20.10 -16.18 38.69
N LEU B 20 19.92 -17.35 38.08
CA LEU B 20 18.93 -18.31 38.56
C LEU B 20 19.47 -19.12 39.73
N LEU B 21 20.75 -19.46 39.70
CA LEU B 21 21.35 -20.20 40.80
C LEU B 21 21.58 -19.30 42.01
N ASP B 22 21.56 -17.99 41.82
CA ASP B 22 21.61 -17.02 42.91
C ASP B 22 20.24 -16.59 43.42
N LYS B 23 19.15 -17.07 42.80
CA LYS B 23 17.77 -16.68 43.12
C LYS B 23 17.61 -15.16 43.21
N THR B 24 18.01 -14.50 42.12
CA THR B 24 17.87 -13.03 42.00
C THR B 24 17.34 -12.67 40.62
N CYS B 25 16.06 -12.31 40.49
CA CYS B 25 15.55 -11.77 39.21
C CYS B 25 15.77 -10.27 39.34
N ASP B 26 16.81 -9.73 38.72
CA ASP B 26 17.20 -8.33 39.04
C ASP B 26 17.41 -7.41 37.85
N GLN B 27 16.47 -7.30 36.92
CA GLN B 27 16.58 -6.35 35.78
C GLN B 27 17.67 -6.79 34.80
N VAL B 28 18.83 -7.22 35.28
CA VAL B 28 19.88 -7.80 34.39
C VAL B 28 19.37 -9.15 33.93
N MET B 29 18.69 -9.90 34.81
CA MET B 29 18.10 -11.20 34.44
C MET B 29 17.02 -10.96 33.41
N GLU B 30 16.19 -9.95 33.67
CA GLU B 30 15.06 -9.66 32.77
C GLU B 30 15.60 -9.11 31.47
N PHE B 31 16.69 -8.38 31.53
CA PHE B 31 17.30 -7.84 30.29
C PHE B 31 17.89 -9.00 29.51
N SER B 32 18.57 -9.90 30.18
CA SER B 32 19.09 -11.03 29.42
C SER B 32 17.99 -11.75 28.65
N TRP B 33 16.85 -11.98 29.31
CA TRP B 33 15.75 -12.64 28.62
C TRP B 33 15.19 -11.78 27.49
N SER B 34 15.06 -10.46 27.74
CA SER B 34 14.62 -9.56 26.69
C SER B 34 15.60 -9.52 25.53
N ALA B 35 16.90 -9.66 25.82
CA ALA B 35 17.92 -9.66 24.78
C ALA B 35 17.80 -10.91 23.92
N LEU B 36 17.56 -12.07 24.53
CA LEU B 36 17.28 -13.26 23.74
C LEU B 36 16.02 -13.08 22.90
N TRP B 37 14.98 -12.49 23.49
CA TRP B 37 13.76 -12.15 22.78
C TRP B 37 14.05 -11.31 21.54
N ASN B 38 14.79 -10.21 21.70
CA ASN B 38 15.09 -9.32 20.58
C ASN B 38 15.99 -9.99 19.55
N ILE B 39 16.99 -10.75 20.00
CA ILE B 39 17.95 -11.36 19.09
C ILE B 39 17.31 -12.48 18.27
N THR B 40 16.24 -13.09 18.76
CA THR B 40 15.59 -14.18 18.04
C THR B 40 14.57 -13.68 17.01
N ASP B 41 14.27 -12.38 16.99
CA ASP B 41 13.23 -11.86 16.12
C ASP B 41 13.50 -12.13 14.65
N GLU B 42 12.67 -12.97 14.03
CA GLU B 42 12.80 -13.34 12.62
C GLU B 42 14.22 -13.77 12.29
N THR B 43 14.84 -14.50 13.21
CA THR B 43 16.20 -15.02 13.06
C THR B 43 16.20 -16.47 13.52
N PRO B 44 15.97 -17.41 12.59
CA PRO B 44 15.85 -18.82 13.00
C PRO B 44 17.11 -19.40 13.62
N ASP B 45 18.29 -18.90 13.24
CA ASP B 45 19.53 -19.46 13.79
C ASP B 45 19.59 -19.28 15.31
N ASN B 46 19.12 -18.13 15.81
CA ASN B 46 19.23 -17.88 17.24
C ASN B 46 18.16 -18.60 18.05
N CYS B 47 16.96 -18.82 17.49
CA CYS B 47 16.02 -19.69 18.18
C CYS B 47 16.51 -21.12 18.18
N GLU B 48 17.18 -21.53 17.09
CA GLU B 48 17.80 -22.84 17.04
C GLU B 48 18.85 -22.98 18.14
N MET B 49 19.66 -21.96 18.34
CA MET B 49 20.71 -22.09 19.35
C MET B 49 20.15 -21.98 20.77
N PHE B 50 19.08 -21.20 20.98
CA PHE B 50 18.45 -21.15 22.30
C PHE B 50 17.82 -22.48 22.66
N LEU B 51 16.97 -23.02 21.78
CA LEU B 51 16.41 -24.34 22.02
C LEU B 51 17.51 -25.36 22.22
N ASN B 52 18.57 -25.24 21.43
CA ASN B 52 19.62 -26.22 21.47
C ASN B 52 20.49 -26.09 22.72
N PHE B 53 20.77 -24.88 23.18
CA PHE B 53 21.66 -24.71 24.34
C PHE B 53 20.91 -24.87 25.66
N ASN B 54 19.98 -25.82 25.70
CA ASN B 54 19.10 -26.07 26.83
C ASN B 54 18.44 -24.79 27.35
N GLY B 55 17.75 -24.11 26.44
CA GLY B 55 16.97 -22.95 26.81
C GLY B 55 15.65 -23.28 27.47
N MET B 56 15.04 -24.42 27.12
CA MET B 56 13.73 -24.76 27.68
C MET B 56 13.83 -25.05 29.16
N LYS B 57 14.93 -25.65 29.61
CA LYS B 57 15.10 -25.92 31.03
C LYS B 57 15.28 -24.64 31.83
N LEU B 58 16.03 -23.67 31.30
CA LEU B 58 16.16 -22.39 32.00
C LEU B 58 14.86 -21.62 31.97
N PHE B 59 14.11 -21.75 30.88
CA PHE B 59 12.76 -21.20 30.80
C PHE B 59 11.91 -21.74 31.95
N LEU B 60 11.81 -23.06 32.05
CA LEU B 60 11.00 -23.66 33.09
C LEU B 60 11.54 -23.35 34.48
N ASP B 61 12.87 -23.30 34.67
CA ASP B 61 13.42 -23.12 36.00
C ASP B 61 13.27 -21.70 36.55
N CYS B 62 13.45 -20.66 35.73
CA CYS B 62 13.16 -19.33 36.28
C CYS B 62 11.67 -19.10 36.28
N LEU B 63 10.98 -19.85 35.42
CA LEU B 63 9.54 -19.97 35.46
C LEU B 63 9.03 -20.48 36.80
N LYS B 64 9.66 -21.52 37.35
CA LYS B 64 9.12 -22.09 38.58
C LYS B 64 9.57 -21.28 39.78
N GLU B 65 10.82 -20.82 39.73
CA GLU B 65 11.51 -20.25 40.87
C GLU B 65 11.11 -18.81 41.15
N PHE B 66 10.58 -18.12 40.15
CA PHE B 66 10.12 -16.74 40.30
C PHE B 66 8.69 -16.72 39.82
N PRO B 67 7.75 -17.19 40.65
CA PRO B 67 6.39 -17.41 40.16
C PRO B 67 5.62 -16.12 39.91
N GLU B 68 6.05 -14.99 40.48
CA GLU B 68 5.32 -13.72 40.37
C GLU B 68 6.24 -12.59 39.95
N LYS B 69 7.13 -12.84 38.98
CA LYS B 69 7.99 -11.81 38.39
C LYS B 69 7.43 -11.49 36.99
N GLN B 70 6.37 -10.66 36.95
CA GLN B 70 5.51 -10.59 35.77
C GLN B 70 6.29 -10.37 34.48
N GLU B 71 7.21 -9.39 34.47
CA GLU B 71 7.90 -9.06 33.22
C GLU B 71 8.93 -10.12 32.85
N LEU B 72 9.43 -10.90 33.82
CA LEU B 72 10.27 -12.03 33.47
C LEU B 72 9.46 -13.02 32.60
N HIS B 73 8.24 -13.35 33.05
CA HIS B 73 7.44 -14.27 32.25
C HIS B 73 7.10 -13.64 30.90
N ARG B 74 6.80 -12.34 30.88
CA ARG B 74 6.58 -11.65 29.62
C ARG B 74 7.75 -11.86 28.65
N ASN B 75 8.98 -11.57 29.10
CA ASN B 75 10.15 -11.70 28.23
C ASN B 75 10.35 -13.13 27.76
N MET B 76 10.24 -14.10 28.68
CA MET B 76 10.44 -15.49 28.32
C MET B 76 9.42 -15.92 27.26
N LEU B 77 8.16 -15.55 27.45
CA LEU B 77 7.13 -16.00 26.52
C LEU B 77 7.19 -15.27 25.18
N GLY B 78 7.65 -14.02 25.15
CA GLY B 78 7.89 -13.38 23.87
C GLY B 78 9.02 -14.04 23.10
N LEU B 79 10.12 -14.35 23.79
CA LEU B 79 11.19 -15.11 23.16
C LEU B 79 10.65 -16.42 22.58
N LEU B 80 9.85 -17.14 23.36
CA LEU B 80 9.34 -18.41 22.88
C LEU B 80 8.34 -18.22 21.74
N GLY B 81 7.63 -17.10 21.72
CA GLY B 81 6.83 -16.77 20.55
C GLY B 81 7.69 -16.67 19.30
N ASN B 82 8.82 -15.98 19.41
CA ASN B 82 9.75 -15.95 18.28
C ASN B 82 10.21 -17.34 17.89
N VAL B 83 10.45 -18.21 18.89
CA VAL B 83 10.91 -19.56 18.60
C VAL B 83 9.81 -20.38 17.93
N ALA B 84 8.55 -20.11 18.25
CA ALA B 84 7.43 -20.87 17.71
C ALA B 84 7.15 -20.56 16.25
N GLU B 85 7.67 -19.45 15.72
CA GLU B 85 7.39 -19.11 14.33
C GLU B 85 8.17 -19.97 13.33
N VAL B 86 9.07 -20.84 13.79
CA VAL B 86 9.90 -21.70 12.92
C VAL B 86 9.43 -23.15 13.03
N LYS B 87 8.85 -23.72 11.94
CA LYS B 87 8.40 -25.11 12.01
C LYS B 87 9.59 -26.04 12.24
N GLU B 88 10.76 -25.73 11.67
CA GLU B 88 11.88 -26.65 11.73
C GLU B 88 12.32 -26.86 13.18
N LEU B 89 11.95 -25.91 14.05
CA LEU B 89 12.06 -26.01 15.51
C LEU B 89 10.73 -26.33 16.18
N ARG B 90 9.64 -26.34 15.42
CA ARG B 90 8.31 -26.47 16.02
C ARG B 90 8.03 -27.86 16.64
N PRO B 91 8.61 -28.98 16.18
CA PRO B 91 8.47 -30.25 16.92
C PRO B 91 9.02 -30.27 18.34
N GLN B 92 10.07 -29.51 18.66
CA GLN B 92 10.73 -29.68 19.96
C GLN B 92 9.87 -29.23 21.13
N LEU B 93 8.72 -28.63 20.87
CA LEU B 93 7.80 -28.18 21.91
C LEU B 93 6.64 -29.14 22.16
N MET B 94 6.73 -30.38 21.71
CA MET B 94 5.63 -31.35 21.84
C MET B 94 5.87 -32.27 23.04
N THR B 95 5.74 -31.69 24.22
CA THR B 95 5.63 -32.45 25.46
C THR B 95 4.45 -31.94 26.28
N SER B 96 3.88 -32.82 27.09
CA SER B 96 2.69 -32.44 27.85
C SER B 96 3.04 -31.42 28.93
N GLN B 97 4.32 -31.30 29.26
CA GLN B 97 4.80 -30.33 30.23
C GLN B 97 4.84 -28.93 29.62
N PHE B 98 5.38 -28.81 28.41
CA PHE B 98 5.40 -27.52 27.73
C PHE B 98 3.99 -27.02 27.46
N ILE B 99 3.14 -27.88 26.90
CA ILE B 99 1.78 -27.50 26.57
C ILE B 99 0.97 -27.25 27.84
N SER B 100 1.25 -28.02 28.89
CA SER B 100 0.56 -27.81 30.16
C SER B 100 0.78 -26.40 30.70
N VAL B 101 2.04 -26.03 30.87
CA VAL B 101 2.33 -24.68 31.36
C VAL B 101 1.95 -23.57 30.36
N PHE B 102 2.11 -23.82 29.05
CA PHE B 102 1.64 -22.84 28.05
C PHE B 102 0.16 -22.52 28.28
N SER B 103 -0.69 -23.55 28.33
CA SER B 103 -2.11 -23.31 28.55
C SER B 103 -2.39 -22.81 29.97
N ASN B 104 -1.57 -23.15 30.96
CA ASN B 104 -1.90 -22.76 32.33
C ASN B 104 -1.62 -21.29 32.66
N LEU B 105 -0.72 -20.60 31.98
CA LEU B 105 -0.82 -19.14 32.11
C LEU B 105 -1.48 -18.47 30.91
N LEU B 106 -2.43 -19.16 30.27
CA LEU B 106 -3.32 -18.40 29.40
C LEU B 106 -4.23 -17.49 30.22
N GLU B 107 -4.23 -17.63 31.54
CA GLU B 107 -5.01 -16.77 32.42
C GLU B 107 -4.15 -15.77 33.18
N SER B 108 -2.85 -15.71 32.86
CA SER B 108 -1.92 -14.81 33.59
C SER B 108 -2.27 -13.33 33.45
N LYS B 109 -2.40 -12.63 34.57
CA LYS B 109 -2.65 -11.17 34.52
C LYS B 109 -1.29 -10.49 34.67
N ALA B 110 -0.35 -10.90 33.82
CA ALA B 110 1.03 -10.38 33.89
C ALA B 110 1.27 -9.38 32.77
N ASP B 111 1.73 -8.17 33.12
CA ASP B 111 1.92 -7.06 32.14
C ASP B 111 0.62 -6.94 31.37
N GLY B 112 -0.51 -6.96 32.08
CA GLY B 112 -1.81 -6.94 31.41
C GLY B 112 -2.09 -8.27 30.76
N ILE B 113 -1.87 -8.34 29.45
CA ILE B 113 -2.21 -9.57 28.73
C ILE B 113 -0.98 -10.28 28.17
N GLU B 114 0.21 -9.68 28.26
CA GLU B 114 1.34 -10.07 27.43
C GLU B 114 1.68 -11.56 27.52
N VAL B 115 1.77 -12.10 28.74
CA VAL B 115 2.17 -13.50 28.89
C VAL B 115 1.09 -14.41 28.30
N SER B 116 -0.19 -14.11 28.56
CA SER B 116 -1.25 -14.92 28.00
C SER B 116 -1.30 -14.76 26.48
N TYR B 117 -1.10 -13.54 25.99
CA TYR B 117 -1.06 -13.28 24.56
C TYR B 117 0.04 -14.09 23.88
N ASN B 118 1.23 -14.12 24.49
CA ASN B 118 2.36 -14.82 23.88
C ASN B 118 2.21 -16.33 23.98
N ALA B 119 1.71 -16.84 25.10
CA ALA B 119 1.41 -18.26 25.19
C ALA B 119 0.41 -18.67 24.11
N CYS B 120 -0.60 -17.83 23.87
CA CYS B 120 -1.60 -18.17 22.87
C CYS B 120 -1.04 -18.02 21.46
N GLY B 121 -0.06 -17.15 21.26
CA GLY B 121 0.60 -17.07 19.97
C GLY B 121 1.44 -18.30 19.66
N VAL B 122 2.21 -18.76 20.65
CA VAL B 122 2.95 -20.01 20.50
C VAL B 122 2.01 -21.15 20.16
N LEU B 123 0.90 -21.25 20.91
CA LEU B 123 -0.02 -22.36 20.69
C LEU B 123 -0.72 -22.22 19.35
N SER B 124 -0.89 -20.99 18.86
CA SER B 124 -1.49 -20.79 17.55
C SER B 124 -0.55 -21.24 16.45
N HIS B 125 0.74 -20.94 16.59
CA HIS B 125 1.70 -21.41 15.59
C HIS B 125 1.84 -22.92 15.58
N ILE B 126 1.72 -23.59 16.74
CA ILE B 126 1.70 -25.04 16.66
C ILE B 126 0.40 -25.60 16.12
N MET B 127 -0.73 -25.03 16.45
CA MET B 127 -1.96 -25.56 15.91
C MET B 127 -2.15 -25.23 14.43
N PHE B 128 -1.37 -24.29 13.91
CA PHE B 128 -1.44 -23.99 12.49
C PHE B 128 -1.05 -25.18 11.64
N ASP B 129 -0.18 -26.06 12.16
CA ASP B 129 0.24 -27.25 11.41
C ASP B 129 -0.80 -28.37 11.45
N GLY B 130 -1.83 -28.25 12.27
CA GLY B 130 -2.93 -29.17 12.25
C GLY B 130 -2.99 -30.08 13.48
N PRO B 131 -4.14 -30.73 13.68
CA PRO B 131 -4.26 -31.70 14.78
C PRO B 131 -3.42 -32.94 14.59
N GLU B 132 -3.00 -33.23 13.35
CA GLU B 132 -2.14 -34.39 13.10
C GLU B 132 -0.87 -34.31 13.94
N ALA B 133 -0.34 -33.10 14.12
CA ALA B 133 0.92 -32.86 14.81
C ALA B 133 0.74 -32.70 16.31
N TRP B 134 -0.37 -33.16 16.87
CA TRP B 134 -0.66 -33.07 18.31
C TRP B 134 -0.55 -34.45 18.94
N GLY B 135 0.67 -34.86 19.27
CA GLY B 135 0.90 -36.17 19.85
C GLY B 135 0.86 -36.26 21.37
N VAL B 136 0.44 -35.22 22.07
CA VAL B 136 0.40 -35.23 23.53
C VAL B 136 -0.95 -35.79 23.98
N CYS B 137 -0.91 -36.71 24.95
CA CYS B 137 -2.14 -37.36 25.40
C CYS B 137 -3.02 -36.42 26.21
N GLU B 138 -2.43 -35.71 27.19
CA GLU B 138 -3.13 -34.65 27.90
C GLU B 138 -2.10 -33.65 28.41
N PRO B 139 -2.33 -32.33 28.27
CA PRO B 139 -3.60 -31.73 27.83
C PRO B 139 -3.95 -32.04 26.37
N GLN B 140 -5.18 -31.75 25.98
CA GLN B 140 -5.67 -32.11 24.67
C GLN B 140 -6.08 -30.87 23.90
N ARG B 141 -6.14 -31.03 22.57
CA ARG B 141 -6.14 -29.88 21.67
C ARG B 141 -7.39 -29.03 21.81
N GLU B 142 -8.55 -29.64 22.04
CA GLU B 142 -9.74 -28.80 22.03
C GLU B 142 -9.99 -28.08 23.35
N GLU B 143 -9.53 -28.60 24.49
CA GLU B 143 -9.61 -27.82 25.72
C GLU B 143 -8.67 -26.61 25.67
N VAL B 144 -7.41 -26.83 25.27
CA VAL B 144 -6.49 -25.71 25.16
C VAL B 144 -7.00 -24.72 24.13
N GLU B 145 -7.65 -25.22 23.08
CA GLU B 145 -8.35 -24.34 22.17
C GLU B 145 -9.44 -23.52 22.87
N GLU B 146 -10.23 -24.16 23.71
CA GLU B 146 -11.31 -23.39 24.30
C GLU B 146 -10.74 -22.34 25.26
N ARG B 147 -9.71 -22.70 26.01
CA ARG B 147 -9.07 -21.75 26.93
C ARG B 147 -8.41 -20.60 26.20
N MET B 148 -7.89 -20.83 24.99
CA MET B 148 -7.34 -19.71 24.25
C MET B 148 -8.45 -18.83 23.67
N TRP B 149 -9.54 -19.42 23.18
CA TRP B 149 -10.70 -18.60 22.80
C TRP B 149 -11.13 -17.72 23.97
N ALA B 150 -11.16 -18.31 25.17
CA ALA B 150 -11.53 -17.57 26.37
C ALA B 150 -10.54 -16.45 26.64
N ALA B 151 -9.26 -16.71 26.45
CA ALA B 151 -8.24 -15.66 26.61
C ALA B 151 -8.41 -14.57 25.58
N ILE B 152 -8.76 -14.94 24.34
CA ILE B 152 -8.84 -13.95 23.26
C ILE B 152 -10.04 -13.05 23.47
N GLN B 153 -11.10 -13.56 24.07
CA GLN B 153 -12.22 -12.71 24.45
C GLN B 153 -12.06 -12.18 25.86
N SER B 154 -11.06 -12.66 26.60
CA SER B 154 -10.64 -12.06 27.86
C SER B 154 -10.08 -10.65 27.68
N TRP B 155 -9.16 -10.50 26.75
CA TRP B 155 -8.35 -9.30 26.69
C TRP B 155 -9.17 -8.09 26.26
N ASP B 156 -8.90 -6.94 26.89
CA ASP B 156 -9.47 -5.68 26.41
C ASP B 156 -8.80 -5.30 25.10
N ILE B 157 -9.59 -5.00 24.06
CA ILE B 157 -9.00 -4.75 22.74
C ILE B 157 -8.46 -3.33 22.62
N ASN B 158 -8.60 -2.54 23.67
CA ASN B 158 -7.89 -1.28 23.78
C ASN B 158 -6.82 -1.36 24.86
N SER B 159 -6.44 -2.57 25.26
CA SER B 159 -5.27 -2.77 26.11
C SER B 159 -4.08 -2.06 25.50
N ARG B 160 -3.38 -1.27 26.30
CA ARG B 160 -2.04 -0.87 25.88
C ARG B 160 -1.10 -2.05 26.04
N ARG B 161 0.00 -2.03 25.29
CA ARG B 161 0.79 -3.23 25.11
C ARG B 161 2.24 -2.99 25.49
N ASN B 162 2.93 -4.10 25.75
CA ASN B 162 4.38 -4.13 25.94
C ASN B 162 4.96 -5.11 24.93
N ILE B 163 4.83 -4.78 23.65
CA ILE B 163 5.29 -5.65 22.57
C ILE B 163 5.56 -4.78 21.35
N ASN B 164 6.40 -5.28 20.44
CA ASN B 164 6.76 -4.56 19.23
C ASN B 164 6.84 -5.52 18.06
N TYR B 165 6.36 -5.08 16.91
CA TYR B 165 6.41 -5.86 15.67
C TYR B 165 7.15 -5.05 14.62
N ARG B 166 8.21 -5.63 14.05
CA ARG B 166 8.86 -5.03 12.89
C ARG B 166 8.19 -5.48 11.61
N SER B 167 7.55 -6.64 11.62
CA SER B 167 6.80 -7.13 10.48
C SER B 167 5.64 -7.98 10.96
N PHE B 168 4.56 -7.97 10.18
CA PHE B 168 3.36 -8.72 10.52
C PHE B 168 3.26 -10.05 9.79
N GLU B 169 4.13 -10.30 8.81
CA GLU B 169 4.01 -11.51 8.00
C GLU B 169 4.00 -12.80 8.81
N PRO B 170 4.76 -12.95 9.89
CA PRO B 170 4.59 -14.15 10.73
C PRO B 170 3.17 -14.36 11.22
N ILE B 171 2.43 -13.29 11.54
CA ILE B 171 1.03 -13.44 11.93
C ILE B 171 0.08 -13.26 10.76
N LEU B 172 0.58 -12.88 9.58
CA LEU B 172 -0.23 -12.80 8.39
C LEU B 172 -0.20 -14.10 7.58
N ARG B 173 0.71 -15.02 7.93
CA ARG B 173 0.70 -16.34 7.32
C ARG B 173 -0.31 -17.26 7.99
N LEU B 174 -0.93 -16.81 9.07
CA LEU B 174 -2.08 -17.45 9.67
C LEU B 174 -3.40 -16.93 9.11
N LEU B 175 -3.36 -16.09 8.07
CA LEU B 175 -4.58 -15.52 7.50
C LEU B 175 -5.07 -16.31 6.30
N PRO B 176 -4.23 -16.73 5.33
CA PRO B 176 -4.69 -17.54 4.19
C PRO B 176 -4.70 -19.02 4.63
N GLN B 177 -5.25 -19.34 5.78
CA GLN B 177 -5.30 -20.70 6.28
C GLN B 177 -6.64 -20.94 6.99
N GLY B 178 -7.06 -22.21 7.01
CA GLY B 178 -8.30 -22.63 7.67
C GLY B 178 -8.20 -23.87 8.55
N ILE B 179 -7.03 -24.48 8.63
CA ILE B 179 -6.87 -25.71 9.40
C ILE B 179 -7.02 -25.44 10.89
N SER B 180 -6.83 -24.19 11.29
CA SER B 180 -6.96 -23.79 12.69
C SER B 180 -7.65 -22.46 12.72
N PRO B 181 -8.97 -22.41 12.88
CA PRO B 181 -9.69 -21.14 12.96
C PRO B 181 -9.27 -20.30 14.15
N VAL B 182 -8.74 -20.93 15.21
CA VAL B 182 -8.38 -20.17 16.40
C VAL B 182 -7.03 -19.50 16.23
N SER B 183 -6.10 -20.14 15.51
CA SER B 183 -4.89 -19.45 15.06
C SER B 183 -5.23 -18.19 14.27
N GLN B 184 -6.06 -18.34 13.24
CA GLN B 184 -6.45 -17.21 12.41
C GLN B 184 -7.18 -16.15 13.24
N HIS B 185 -8.02 -16.59 14.17
CA HIS B 185 -8.73 -15.65 15.03
C HIS B 185 -7.77 -14.86 15.90
N TRP B 186 -6.74 -15.53 16.44
CA TRP B 186 -5.74 -14.83 17.23
C TRP B 186 -4.98 -13.82 16.38
N ALA B 187 -4.70 -14.20 15.12
CA ALA B 187 -4.02 -13.28 14.22
C ALA B 187 -4.84 -12.02 13.96
N THR B 188 -6.12 -12.19 13.61
CA THR B 188 -6.98 -11.03 13.38
C THR B 188 -7.13 -10.21 14.65
N TRP B 189 -7.21 -10.87 15.81
CA TRP B 189 -7.28 -10.16 17.08
C TRP B 189 -6.06 -9.29 17.30
N ALA B 190 -4.87 -9.86 17.07
CA ALA B 190 -3.64 -9.11 17.24
C ALA B 190 -3.63 -7.88 16.34
N LEU B 191 -3.95 -8.08 15.06
CA LEU B 191 -4.01 -6.95 14.14
C LEU B 191 -5.00 -5.89 14.62
N TYR B 192 -6.18 -6.31 15.08
CA TYR B 192 -7.21 -5.36 15.49
C TYR B 192 -6.79 -4.57 16.70
N ASN B 193 -6.27 -5.24 17.73
CA ASN B 193 -5.81 -4.53 18.91
C ASN B 193 -4.72 -3.53 18.57
N LEU B 194 -3.73 -3.95 17.78
CA LEU B 194 -2.58 -3.09 17.55
C LEU B 194 -2.91 -1.91 16.64
N VAL B 195 -3.91 -2.06 15.75
CA VAL B 195 -4.31 -0.89 14.97
C VAL B 195 -5.36 -0.05 15.71
N SER B 196 -6.09 -0.65 16.65
CA SER B 196 -6.99 0.09 17.51
C SER B 196 -6.25 1.02 18.46
N VAL B 197 -5.07 0.63 18.94
CA VAL B 197 -4.39 1.39 19.98
C VAL B 197 -3.16 2.12 19.47
N TYR B 198 -2.44 1.57 18.49
CA TYR B 198 -1.32 2.25 17.86
C TYR B 198 -1.54 2.30 16.36
N PRO B 199 -2.53 3.09 15.90
CA PRO B 199 -2.79 3.13 14.46
C PRO B 199 -1.66 3.75 13.67
N ASP B 200 -1.10 4.86 14.17
CA ASP B 200 -0.06 5.60 13.45
C ASP B 200 1.15 4.71 13.16
N LYS B 201 1.41 3.71 13.99
CA LYS B 201 2.57 2.86 13.77
C LYS B 201 2.24 1.63 12.95
N TYR B 202 1.05 1.06 13.12
CA TYR B 202 0.78 -0.28 12.61
C TYR B 202 -0.16 -0.35 11.42
N CYS B 203 -0.92 0.69 11.12
CA CYS B 203 -1.71 0.57 9.90
C CYS B 203 -0.87 0.85 8.66
N PRO B 204 0.12 1.75 8.70
CA PRO B 204 1.09 1.79 7.59
C PRO B 204 1.82 0.47 7.41
N LEU B 205 2.25 -0.18 8.49
CA LEU B 205 2.93 -1.46 8.38
C LEU B 205 2.00 -2.53 7.82
N LEU B 206 0.75 -2.55 8.26
CA LEU B 206 -0.20 -3.55 7.79
C LEU B 206 -0.50 -3.37 6.31
N ILE B 207 -0.83 -2.13 5.90
CA ILE B 207 -1.05 -1.85 4.48
C ILE B 207 0.18 -2.21 3.65
N LYS B 208 1.36 -1.77 4.09
CA LYS B 208 2.59 -2.01 3.34
C LYS B 208 2.76 -3.49 3.00
N GLU B 209 2.60 -4.36 3.98
CA GLU B 209 2.84 -5.79 3.78
C GLU B 209 1.63 -6.51 3.21
N GLY B 210 0.62 -5.76 2.75
CA GLY B 210 -0.50 -6.36 2.06
C GLY B 210 -1.46 -7.11 2.94
N GLY B 211 -1.79 -6.56 4.11
CA GLY B 211 -2.74 -7.23 4.99
C GLY B 211 -4.17 -7.08 4.54
N MET B 212 -4.49 -5.98 3.87
CA MET B 212 -5.87 -5.72 3.46
C MET B 212 -6.41 -6.76 2.50
N PRO B 213 -5.69 -7.20 1.45
CA PRO B 213 -6.21 -8.30 0.63
C PRO B 213 -6.46 -9.58 1.42
N LEU B 214 -5.64 -9.89 2.41
CA LEU B 214 -5.84 -11.13 3.17
C LEU B 214 -7.06 -11.03 4.08
N LEU B 215 -7.25 -9.88 4.73
CA LEU B 215 -8.47 -9.67 5.51
C LEU B 215 -9.70 -9.69 4.62
N ARG B 216 -9.62 -9.05 3.44
CA ARG B 216 -10.71 -9.07 2.48
C ARG B 216 -11.05 -10.50 2.07
N ASP B 217 -10.03 -11.32 1.81
CA ASP B 217 -10.24 -12.72 1.48
C ASP B 217 -10.86 -13.48 2.65
N ILE B 218 -10.56 -13.08 3.89
CA ILE B 218 -11.17 -13.78 5.01
C ILE B 218 -12.64 -13.39 5.15
N ILE B 219 -13.01 -12.17 4.75
CA ILE B 219 -14.43 -11.84 4.73
C ILE B 219 -15.15 -12.54 3.58
N LYS B 220 -14.42 -12.92 2.53
CA LYS B 220 -15.03 -13.54 1.36
C LYS B 220 -14.91 -15.06 1.38
N MET B 221 -14.55 -15.65 2.52
CA MET B 221 -14.42 -17.09 2.66
C MET B 221 -15.58 -17.59 3.49
N ALA B 222 -16.38 -18.51 2.93
CA ALA B 222 -17.59 -18.95 3.61
C ALA B 222 -17.31 -19.83 4.84
N THR B 223 -16.25 -20.64 4.79
CA THR B 223 -15.93 -21.54 5.90
C THR B 223 -15.51 -20.82 7.17
N ALA B 224 -15.21 -19.53 7.10
CA ALA B 224 -14.60 -18.82 8.22
C ALA B 224 -15.66 -18.43 9.26
N ARG B 225 -15.28 -18.56 10.54
CA ARG B 225 -16.17 -18.16 11.62
C ARG B 225 -16.48 -16.68 11.52
N GLN B 226 -17.73 -16.32 11.80
CA GLN B 226 -18.20 -14.98 11.46
C GLN B 226 -17.66 -13.89 12.37
N GLU B 227 -17.17 -14.23 13.56
CA GLU B 227 -16.59 -13.20 14.41
C GLU B 227 -15.20 -12.85 13.93
N THR B 228 -14.52 -13.80 13.29
CA THR B 228 -13.25 -13.49 12.63
C THR B 228 -13.49 -12.55 11.46
N LYS B 229 -14.60 -12.71 10.74
CA LYS B 229 -14.89 -11.79 9.64
C LYS B 229 -15.30 -10.41 10.15
N GLU B 230 -16.02 -10.36 11.28
CA GLU B 230 -16.30 -9.08 11.91
C GLU B 230 -15.02 -8.35 12.27
N MET B 231 -14.11 -9.03 12.97
CA MET B 231 -12.88 -8.35 13.40
C MET B 231 -12.01 -8.00 12.21
N ALA B 232 -12.02 -8.81 11.15
CA ALA B 232 -11.26 -8.48 9.95
C ALA B 232 -11.84 -7.27 9.25
N ARG B 233 -13.17 -7.18 9.18
CA ARG B 233 -13.81 -6.02 8.57
C ARG B 233 -13.54 -4.75 9.36
N LYS B 234 -13.46 -4.86 10.68
CA LYS B 234 -13.17 -3.67 11.46
C LYS B 234 -11.69 -3.29 11.41
N VAL B 235 -10.81 -4.26 11.20
CA VAL B 235 -9.41 -3.91 10.91
C VAL B 235 -9.32 -3.16 9.59
N ILE B 236 -10.04 -3.66 8.58
CA ILE B 236 -10.06 -3.00 7.28
C ILE B 236 -10.61 -1.58 7.43
N GLU B 237 -11.64 -1.41 8.26
CA GLU B 237 -12.26 -0.10 8.42
C GLU B 237 -11.36 0.86 9.19
N HIS B 238 -10.65 0.36 10.21
CA HIS B 238 -9.69 1.20 10.92
C HIS B 238 -8.56 1.65 10.01
N CYS B 239 -8.04 0.72 9.19
CA CYS B 239 -6.95 1.07 8.28
C CYS B 239 -7.43 2.00 7.19
N SER B 240 -8.69 1.86 6.76
CA SER B 240 -9.24 2.75 5.75
C SER B 240 -9.51 4.14 6.31
N ASN B 241 -9.94 4.24 7.57
CA ASN B 241 -10.09 5.55 8.20
C ASN B 241 -8.74 6.22 8.37
N PHE B 242 -7.72 5.45 8.74
CA PHE B 242 -6.38 6.02 8.89
C PHE B 242 -5.82 6.49 7.55
N LYS B 243 -5.87 5.62 6.54
CA LYS B 243 -5.26 5.93 5.24
C LYS B 243 -5.93 7.12 4.57
N GLU B 244 -7.20 7.37 4.88
CA GLU B 244 -7.90 8.54 4.36
C GLU B 244 -7.47 9.83 5.04
N GLU B 245 -6.69 9.73 6.11
CA GLU B 245 -6.26 10.92 6.86
C GLU B 245 -4.74 10.98 6.96
N THR C 1 8.89 -10.58 16.94
CA THR C 1 8.61 -9.58 17.95
C THR C 1 9.84 -9.26 18.79
N PHE C 2 9.78 -8.14 19.48
CA PHE C 2 10.86 -7.66 20.32
C PHE C 2 10.28 -6.61 21.27
N LEU C 3 11.15 -6.04 22.10
CA LEU C 3 10.73 -4.95 22.97
C LEU C 3 11.97 -4.12 23.28
N HIS C 4 11.84 -2.80 23.08
CA HIS C 4 12.92 -1.86 23.39
C HIS C 4 12.40 -0.87 24.42
N LYS C 5 12.89 -0.99 25.66
CA LYS C 5 12.60 -0.02 26.70
C LYS C 5 13.88 0.74 27.03
N MET C 6 13.72 2.01 27.42
CA MET C 6 14.89 2.83 27.75
C MET C 6 15.52 2.35 29.05
N GLY C 7 14.72 1.77 29.94
CA GLY C 7 15.26 1.18 31.15
C GLY C 7 16.36 0.18 30.87
N PHE C 8 16.28 -0.53 29.74
CA PHE C 8 17.34 -1.47 29.39
C PHE C 8 18.65 -0.73 29.13
N VAL C 9 18.59 0.39 28.42
CA VAL C 9 19.77 1.24 28.24
C VAL C 9 20.33 1.63 29.60
N VAL C 10 19.46 2.06 30.51
CA VAL C 10 19.92 2.45 31.85
C VAL C 10 20.61 1.29 32.54
N THR C 11 19.98 0.10 32.53
CA THR C 11 20.54 -1.07 33.20
C THR C 11 21.89 -1.44 32.62
N MET C 12 22.02 -1.37 31.30
CA MET C 12 23.27 -1.73 30.65
C MET C 12 24.37 -0.72 30.94
N LEU C 13 24.03 0.57 30.99
CA LEU C 13 25.07 1.55 31.32
C LEU C 13 25.49 1.43 32.78
N LYS C 14 24.59 1.00 33.65
CA LYS C 14 24.96 0.76 35.04
C LYS C 14 25.87 -0.45 35.17
N LEU C 15 25.55 -1.52 34.44
CA LEU C 15 26.40 -2.71 34.47
C LEU C 15 27.78 -2.42 33.87
N ILE C 16 27.82 -1.64 32.78
CA ILE C 16 29.09 -1.23 32.19
C ILE C 16 29.91 -0.45 33.21
N GLN C 17 29.28 0.52 33.87
CA GLN C 17 30.02 1.32 34.85
C GLN C 17 30.57 0.44 35.98
N LYS C 18 29.73 -0.48 36.49
CA LYS C 18 30.16 -1.34 37.57
C LYS C 18 31.36 -2.18 37.16
N LYS C 19 31.31 -2.76 35.96
CA LYS C 19 32.46 -3.54 35.50
C LYS C 19 33.62 -2.66 35.06
N LEU C 20 33.40 -1.35 34.93
CA LEU C 20 34.50 -0.43 34.67
C LEU C 20 35.29 -0.12 35.93
N LEU C 21 34.61 -0.02 37.07
CA LEU C 21 35.37 0.20 38.29
C LEU C 21 36.14 -1.05 38.70
N ASP C 22 35.79 -2.22 38.16
CA ASP C 22 36.59 -3.41 38.36
C ASP C 22 37.63 -3.65 37.28
N LYS C 23 37.64 -2.80 36.25
CA LYS C 23 38.59 -2.94 35.12
C LYS C 23 38.48 -4.36 34.60
N THR C 24 37.29 -4.74 34.13
CA THR C 24 37.05 -6.12 33.67
C THR C 24 36.31 -6.15 32.33
N CYS C 25 36.98 -6.52 31.23
CA CYS C 25 36.30 -6.74 29.93
C CYS C 25 36.04 -8.24 29.88
N ASP C 26 35.04 -8.72 30.64
CA ASP C 26 34.83 -10.17 30.81
C ASP C 26 33.75 -10.76 29.91
N GLN C 27 33.58 -10.26 28.68
CA GLN C 27 32.54 -10.75 27.73
C GLN C 27 31.12 -10.37 28.15
N VAL C 28 30.91 -9.99 29.40
CA VAL C 28 29.58 -9.46 29.83
C VAL C 28 29.72 -7.98 29.52
N MET C 29 30.92 -7.42 29.68
CA MET C 29 31.13 -6.00 29.33
C MET C 29 30.90 -5.81 27.84
N GLU C 30 31.47 -6.68 27.03
CA GLU C 30 31.39 -6.52 25.56
C GLU C 30 29.96 -6.85 25.10
N PHE C 31 29.24 -7.64 25.88
CA PHE C 31 27.82 -7.97 25.58
C PHE C 31 26.97 -6.77 25.96
N SER C 32 27.30 -6.12 27.05
CA SER C 32 26.53 -4.94 27.49
C SER C 32 26.63 -3.84 26.44
N TRP C 33 27.76 -3.77 25.77
CA TRP C 33 27.98 -2.73 24.73
C TRP C 33 27.34 -3.21 23.45
N SER C 34 27.46 -4.51 23.16
CA SER C 34 26.73 -5.04 22.02
C SER C 34 25.22 -4.92 22.20
N ALA C 35 24.73 -5.06 23.43
CA ALA C 35 23.31 -4.93 23.70
C ALA C 35 22.87 -3.48 23.50
N LEU C 36 23.68 -2.52 23.94
CA LEU C 36 23.38 -1.12 23.65
C LEU C 36 23.38 -0.85 22.15
N TRP C 37 24.37 -1.40 21.44
CA TRP C 37 24.41 -1.30 19.98
C TRP C 37 23.11 -1.79 19.36
N ASN C 38 22.68 -3.00 19.72
CA ASN C 38 21.46 -3.55 19.14
C ASN C 38 20.23 -2.76 19.54
N ILE C 39 20.16 -2.32 20.80
CA ILE C 39 18.97 -1.66 21.31
C ILE C 39 18.81 -0.27 20.70
N THR C 40 19.91 0.37 20.28
CA THR C 40 19.82 1.71 19.70
C THR C 40 19.50 1.72 18.21
N ASP C 41 19.56 0.57 17.54
CA ASP C 41 19.32 0.49 16.11
C ASP C 41 17.91 0.95 15.81
N GLU C 42 17.77 1.92 14.91
CA GLU C 42 16.44 2.35 14.51
C GLU C 42 15.65 2.97 15.67
N THR C 43 16.32 3.42 16.74
CA THR C 43 15.60 3.89 17.94
C THR C 43 16.21 5.13 18.55
N PRO C 44 15.73 6.31 18.15
CA PRO C 44 16.32 7.55 18.67
C PRO C 44 16.16 7.74 20.17
N ASP C 45 15.10 7.20 20.77
CA ASP C 45 14.90 7.37 22.20
C ASP C 45 16.04 6.74 23.01
N ASN C 46 16.53 5.59 22.57
CA ASN C 46 17.59 4.92 23.32
C ASN C 46 18.94 5.56 23.07
N CYS C 47 19.16 6.16 21.89
CA CYS C 47 20.37 6.95 21.69
C CYS C 47 20.34 8.21 22.55
N GLU C 48 19.15 8.81 22.69
CA GLU C 48 18.98 9.94 23.60
C GLU C 48 19.29 9.53 25.03
N MET C 49 18.83 8.35 25.44
CA MET C 49 19.01 7.94 26.83
C MET C 49 20.46 7.54 27.10
N PHE C 50 21.14 6.99 26.10
CA PHE C 50 22.57 6.73 26.22
C PHE C 50 23.33 8.04 26.38
N LEU C 51 23.02 9.03 25.54
CA LEU C 51 23.70 10.32 25.65
C LEU C 51 23.43 10.97 27.01
N ASN C 52 22.19 10.91 27.49
CA ASN C 52 21.82 11.62 28.71
C ASN C 52 22.23 10.89 29.99
N PHE C 53 22.56 9.62 29.93
CA PHE C 53 23.07 8.93 31.15
C PHE C 53 24.60 9.00 31.11
N ASN C 54 25.14 10.00 30.41
CA ASN C 54 26.61 10.23 30.36
C ASN C 54 27.30 8.95 29.95
N GLY C 55 26.91 8.45 28.80
CA GLY C 55 27.54 7.24 28.28
C GLY C 55 28.71 7.60 27.41
N MET C 56 28.72 8.81 26.87
CA MET C 56 29.91 9.20 26.13
C MET C 56 31.16 9.15 27.02
N LYS C 57 31.01 9.50 28.31
CA LYS C 57 32.15 9.39 29.20
C LYS C 57 32.53 7.95 29.46
N LEU C 58 31.54 7.06 29.55
CA LEU C 58 31.86 5.64 29.72
C LEU C 58 32.49 5.08 28.45
N PHE C 59 32.04 5.54 27.28
CA PHE C 59 32.70 5.19 26.03
C PHE C 59 34.17 5.57 26.06
N LEU C 60 34.46 6.85 26.32
CA LEU C 60 35.85 7.30 26.32
C LEU C 60 36.67 6.59 27.38
N ASP C 61 36.08 6.33 28.55
CA ASP C 61 36.82 5.71 29.63
C ASP C 61 37.11 4.24 29.33
N CYS C 62 36.22 3.55 28.62
CA CYS C 62 36.53 2.19 28.22
C CYS C 62 37.45 2.14 27.01
N LEU C 63 37.43 3.18 26.18
CA LEU C 63 38.44 3.34 25.14
C LEU C 63 39.84 3.43 25.76
N LYS C 64 39.97 4.28 26.77
CA LYS C 64 41.28 4.51 27.37
C LYS C 64 41.71 3.33 28.22
N GLU C 65 40.74 2.70 28.90
CA GLU C 65 41.07 1.66 29.86
C GLU C 65 41.30 0.30 29.23
N PHE C 66 40.78 0.05 28.03
CA PHE C 66 40.98 -1.21 27.31
C PHE C 66 41.43 -0.85 25.91
N PRO C 67 42.71 -0.48 25.74
CA PRO C 67 43.13 0.12 24.46
C PRO C 67 43.25 -0.88 23.30
N GLU C 68 43.41 -2.17 23.56
CA GLU C 68 43.58 -3.14 22.48
C GLU C 68 42.64 -4.33 22.66
N LYS C 69 41.40 -4.05 23.03
CA LYS C 69 40.32 -5.04 23.04
C LYS C 69 39.46 -4.73 21.80
N GLN C 70 39.81 -5.37 20.68
CA GLN C 70 39.24 -5.00 19.38
C GLN C 70 37.71 -5.00 19.39
N GLU C 71 37.11 -6.07 19.89
CA GLU C 71 35.67 -6.22 19.76
C GLU C 71 34.90 -5.25 20.66
N LEU C 72 35.51 -4.83 21.77
CA LEU C 72 34.91 -3.79 22.58
C LEU C 72 34.76 -2.48 21.80
N HIS C 73 35.84 -2.05 21.15
CA HIS C 73 35.80 -0.84 20.35
C HIS C 73 34.83 -0.98 19.19
N ARG C 74 34.82 -2.15 18.54
CA ARG C 74 33.84 -2.41 17.50
C ARG C 74 32.41 -2.17 17.98
N ASN C 75 32.04 -2.80 19.10
CA ASN C 75 30.68 -2.68 19.61
C ASN C 75 30.37 -1.25 20.01
N MET C 76 31.31 -0.59 20.69
CA MET C 76 31.08 0.80 21.10
C MET C 76 30.85 1.69 19.89
N LEU C 77 31.67 1.50 18.85
CA LEU C 77 31.57 2.37 17.68
C LEU C 77 30.33 2.06 16.85
N GLY C 78 29.85 0.82 16.88
CA GLY C 78 28.55 0.55 16.27
C GLY C 78 27.43 1.26 16.99
N LEU C 79 27.45 1.23 18.33
CA LEU C 79 26.50 2.01 19.11
C LEU C 79 26.56 3.49 18.72
N LEU C 80 27.77 4.04 18.65
CA LEU C 80 27.89 5.46 18.31
C LEU C 80 27.49 5.74 16.87
N GLY C 81 27.66 4.77 15.97
CA GLY C 81 27.13 4.90 14.63
C GLY C 81 25.61 5.04 14.63
N ASN C 82 24.94 4.20 15.43
CA ASN C 82 23.49 4.36 15.58
C ASN C 82 23.14 5.74 16.12
N VAL C 83 23.95 6.24 17.07
CA VAL C 83 23.65 7.55 17.64
C VAL C 83 23.84 8.66 16.60
N ALA C 84 24.80 8.50 15.69
CA ALA C 84 25.05 9.53 14.69
C ALA C 84 23.99 9.58 13.61
N GLU C 85 23.22 8.52 13.41
CA GLU C 85 22.23 8.50 12.34
C GLU C 85 21.00 9.36 12.63
N VAL C 86 20.84 9.84 13.86
CA VAL C 86 19.72 10.70 14.22
C VAL C 86 20.25 12.11 14.23
N LYS C 87 19.77 12.88 13.25
CA LYS C 87 20.36 14.19 13.08
C LYS C 87 20.19 15.06 14.33
N GLU C 88 19.05 14.97 15.02
CA GLU C 88 18.81 15.84 16.18
C GLU C 88 19.82 15.63 17.32
N LEU C 89 20.51 14.49 17.34
CA LEU C 89 21.56 14.23 18.33
C LEU C 89 22.96 14.52 17.83
N ARG C 90 23.13 14.82 16.53
CA ARG C 90 24.47 15.08 16.04
C ARG C 90 25.09 16.35 16.62
N PRO C 91 24.34 17.41 16.97
CA PRO C 91 24.98 18.54 17.69
C PRO C 91 25.69 18.15 18.98
N GLN C 92 25.18 17.18 19.72
CA GLN C 92 25.80 16.82 20.99
C GLN C 92 27.10 16.05 20.82
N LEU C 93 27.40 15.56 19.62
CA LEU C 93 28.64 14.84 19.36
C LEU C 93 29.70 15.73 18.77
N MET C 94 29.44 17.03 18.71
CA MET C 94 30.28 17.93 17.93
C MET C 94 31.01 18.72 19.00
N THR C 95 31.93 18.08 19.73
CA THR C 95 32.87 18.78 20.58
C THR C 95 34.25 18.31 20.14
N SER C 96 35.27 19.14 20.31
CA SER C 96 36.52 18.83 19.62
C SER C 96 37.15 17.54 20.13
N GLN C 97 36.79 17.09 21.32
CA GLN C 97 37.32 15.82 21.83
C GLN C 97 36.66 14.63 21.14
N PHE C 98 35.33 14.70 20.96
CA PHE C 98 34.63 13.65 20.26
C PHE C 98 35.08 13.53 18.81
N ILE C 99 35.16 14.65 18.09
CA ILE C 99 35.55 14.58 16.68
C ILE C 99 37.01 14.17 16.55
N SER C 100 37.86 14.61 17.48
CA SER C 100 39.26 14.21 17.45
C SER C 100 39.40 12.70 17.59
N VAL C 101 38.77 12.11 18.61
CA VAL C 101 38.90 10.66 18.79
C VAL C 101 38.21 9.92 17.64
N PHE C 102 37.07 10.45 17.17
CA PHE C 102 36.39 9.84 16.02
C PHE C 102 37.37 9.66 14.87
N SER C 103 38.04 10.74 14.47
CA SER C 103 38.98 10.65 13.36
C SER C 103 40.22 9.84 13.72
N ASN C 104 40.65 9.84 14.98
CA ASN C 104 41.77 9.01 15.40
C ASN C 104 41.43 7.53 15.39
N LEU C 105 40.15 7.19 15.36
CA LEU C 105 39.78 5.81 15.09
C LEU C 105 39.59 5.55 13.59
N LEU C 106 39.97 6.50 12.72
CA LEU C 106 39.97 6.24 11.29
C LEU C 106 41.06 5.26 10.89
N GLU C 107 42.18 5.24 11.61
CA GLU C 107 43.28 4.34 11.33
C GLU C 107 43.31 3.14 12.26
N SER C 108 42.22 2.88 12.98
CA SER C 108 42.17 1.74 13.86
C SER C 108 42.07 0.45 13.06
N LYS C 109 43.00 -0.47 13.28
CA LYS C 109 42.95 -1.79 12.66
C LYS C 109 42.05 -2.74 13.42
N ALA C 110 41.25 -2.24 14.37
CA ALA C 110 40.54 -3.12 15.28
C ALA C 110 39.37 -3.80 14.58
N ASP C 111 39.20 -5.08 14.89
CA ASP C 111 38.26 -5.98 14.24
C ASP C 111 38.20 -5.72 12.73
N GLY C 112 39.38 -5.75 12.10
CA GLY C 112 39.43 -5.58 10.67
C GLY C 112 39.30 -4.12 10.29
N ILE C 113 38.11 -3.79 9.78
CA ILE C 113 37.76 -2.43 9.39
C ILE C 113 36.71 -1.82 10.31
N GLU C 114 36.10 -2.61 11.20
CA GLU C 114 34.85 -2.22 11.84
C GLU C 114 34.96 -0.90 12.59
N VAL C 115 36.00 -0.72 13.40
CA VAL C 115 36.12 0.51 14.18
C VAL C 115 36.30 1.71 13.27
N SER C 116 37.16 1.58 12.26
CA SER C 116 37.37 2.67 11.32
C SER C 116 36.14 2.89 10.45
N TYR C 117 35.50 1.80 10.02
CA TYR C 117 34.27 1.90 9.24
C TYR C 117 33.20 2.67 10.00
N ASN C 118 33.03 2.36 11.28
CA ASN C 118 31.97 2.99 12.06
C ASN C 118 32.30 4.44 12.40
N ALA C 119 33.57 4.71 12.73
CA ALA C 119 33.98 6.09 12.94
C ALA C 119 33.76 6.93 11.69
N CYS C 120 34.07 6.36 10.52
CA CYS C 120 33.89 7.10 9.28
C CYS C 120 32.42 7.21 8.89
N GLY C 121 31.59 6.25 9.30
CA GLY C 121 30.16 6.40 9.10
C GLY C 121 29.58 7.50 9.96
N VAL C 122 29.99 7.55 11.22
CA VAL C 122 29.62 8.66 12.09
C VAL C 122 30.03 9.97 11.45
N LEU C 123 31.27 10.04 10.98
CA LEU C 123 31.78 11.28 10.42
C LEU C 123 31.13 11.60 9.08
N SER C 124 30.69 10.59 8.32
CA SER C 124 29.99 10.86 7.07
C SER C 124 28.60 11.41 7.32
N HIS C 125 27.88 10.88 8.33
CA HIS C 125 26.58 11.43 8.70
C HIS C 125 26.73 12.82 9.29
N ILE C 126 27.86 13.06 9.94
CA ILE C 126 28.20 14.39 10.44
C ILE C 126 28.56 15.29 9.26
N MET C 127 29.19 14.71 8.25
CA MET C 127 29.59 15.41 7.05
C MET C 127 28.43 15.72 6.11
N PHE C 128 27.31 15.03 6.29
CA PHE C 128 26.09 15.27 5.51
C PHE C 128 25.47 16.62 5.84
N ASP C 129 25.68 17.12 7.07
CA ASP C 129 25.03 18.34 7.53
C ASP C 129 25.69 19.62 6.98
N GLY C 130 26.86 19.49 6.35
CA GLY C 130 27.47 20.59 5.67
C GLY C 130 28.63 21.14 6.46
N PRO C 131 29.45 21.95 5.80
CA PRO C 131 30.50 22.67 6.52
C PRO C 131 29.93 23.72 7.46
N GLU C 132 28.67 24.14 7.21
CA GLU C 132 28.02 25.08 8.11
C GLU C 132 27.96 24.55 9.53
N ALA C 133 27.69 23.26 9.68
CA ALA C 133 27.51 22.63 10.98
C ALA C 133 28.83 22.14 11.59
N TRP C 134 29.95 22.59 11.04
CA TRP C 134 31.28 22.20 11.60
C TRP C 134 31.75 23.32 12.52
N GLY C 135 31.31 23.32 13.79
CA GLY C 135 31.69 24.38 14.74
C GLY C 135 32.69 23.86 15.75
N VAL C 136 33.82 23.34 15.29
CA VAL C 136 34.82 22.75 16.22
C VAL C 136 35.96 23.74 16.45
N GLU C 138 39.55 22.84 16.83
CA GLU C 138 40.96 22.46 16.59
C GLU C 138 41.10 21.67 15.27
N PRO C 139 40.40 20.54 15.01
CA PRO C 139 40.47 19.87 13.69
C PRO C 139 39.71 20.57 12.55
N GLN C 140 39.76 20.03 11.33
CA GLN C 140 39.13 20.71 10.17
C GLN C 140 38.43 19.71 9.26
N ARG C 141 37.39 20.18 8.56
CA ARG C 141 36.62 19.27 7.68
C ARG C 141 37.55 18.63 6.66
N GLU C 142 38.40 19.44 6.03
CA GLU C 142 39.27 18.95 4.93
C GLU C 142 40.30 17.94 5.45
N GLU C 143 40.63 18.00 6.73
CA GLU C 143 41.64 17.09 7.33
C GLU C 143 41.08 15.69 7.40
N VAL C 144 39.98 15.56 8.13
CA VAL C 144 39.35 14.24 8.31
C VAL C 144 38.78 13.76 6.98
N GLU C 145 38.28 14.65 6.12
CA GLU C 145 37.80 14.24 4.78
C GLU C 145 38.94 13.50 4.10
N GLU C 146 40.14 14.06 4.15
CA GLU C 146 41.33 13.42 3.54
C GLU C 146 41.59 12.11 4.28
N ARG C 147 41.56 12.14 5.61
CA ARG C 147 41.79 10.92 6.43
C ARG C 147 40.70 9.90 6.10
N MET C 148 39.52 10.36 5.69
CA MET C 148 38.42 9.45 5.38
C MET C 148 38.57 8.86 3.99
N TRP C 149 38.92 9.69 3.01
CA TRP C 149 39.26 9.14 1.70
C TRP C 149 40.35 8.09 1.85
N ALA C 150 41.36 8.38 2.67
CA ALA C 150 42.45 7.42 2.86
C ALA C 150 41.96 6.12 3.48
N ALA C 151 41.10 6.21 4.50
CA ALA C 151 40.59 5.00 5.15
C ALA C 151 39.71 4.18 4.22
N ILE C 152 38.86 4.84 3.44
CA ILE C 152 37.95 4.10 2.56
C ILE C 152 38.71 3.50 1.40
N GLN C 153 39.85 4.09 1.00
CA GLN C 153 40.66 3.40 0.00
C GLN C 153 41.61 2.40 0.62
N SER C 154 41.78 2.41 1.95
CA SER C 154 42.52 1.35 2.63
C SER C 154 41.78 0.01 2.58
N TRP C 155 40.48 0.01 2.85
CA TRP C 155 39.79 -1.23 3.19
C TRP C 155 39.68 -2.15 1.97
N ASP C 156 39.91 -3.44 2.21
CA ASP C 156 39.70 -4.46 1.19
C ASP C 156 38.22 -4.65 0.90
N ILE C 157 37.86 -4.65 -0.38
CA ILE C 157 36.46 -4.72 -0.80
C ILE C 157 35.87 -6.12 -0.75
N ASN C 158 36.69 -7.14 -0.52
CA ASN C 158 36.16 -8.48 -0.33
C ASN C 158 36.36 -9.02 1.09
N SER C 159 36.82 -8.17 2.02
CA SER C 159 36.79 -8.50 3.43
C SER C 159 35.36 -8.78 3.87
N ARG C 160 35.20 -9.87 4.60
CA ARG C 160 33.94 -10.10 5.30
C ARG C 160 33.81 -9.18 6.50
N ARG C 161 32.59 -9.09 7.03
CA ARG C 161 32.20 -8.06 7.99
C ARG C 161 31.68 -8.67 9.27
N ASN C 162 31.66 -7.85 10.32
CA ASN C 162 31.02 -8.20 11.56
C ASN C 162 29.96 -7.13 11.84
N ILE C 163 28.96 -7.06 10.97
CA ILE C 163 27.94 -6.02 11.03
C ILE C 163 26.68 -6.56 10.36
N ASN C 164 25.55 -5.94 10.69
CA ASN C 164 24.28 -6.30 10.10
C ASN C 164 23.44 -5.05 9.89
N TYR C 165 22.72 -5.03 8.77
CA TYR C 165 21.76 -3.98 8.46
C TYR C 165 20.42 -4.66 8.22
N ARG C 166 19.39 -4.28 8.98
CA ARG C 166 18.06 -4.72 8.61
C ARG C 166 17.43 -3.80 7.59
N SER C 167 17.94 -2.57 7.46
CA SER C 167 17.60 -1.69 6.36
C SER C 167 18.80 -0.79 6.05
N PHE C 168 18.94 -0.45 4.77
CA PHE C 168 20.05 0.36 4.22
C PHE C 168 19.68 1.83 4.15
N GLU C 169 18.45 2.10 4.53
CA GLU C 169 17.80 3.38 4.34
C GLU C 169 18.59 4.56 4.93
N PRO C 170 19.17 4.47 6.13
CA PRO C 170 20.06 5.54 6.62
C PRO C 170 21.26 5.88 5.74
N ILE C 171 21.85 4.89 5.06
CA ILE C 171 22.97 5.17 4.16
C ILE C 171 22.50 5.43 2.75
N LEU C 172 21.21 5.27 2.46
CA LEU C 172 20.68 5.60 1.15
C LEU C 172 20.21 7.04 1.05
N ARG C 173 20.12 7.75 2.16
CA ARG C 173 19.90 9.19 2.14
C ARG C 173 21.22 9.95 2.00
N LEU C 174 22.35 9.24 2.06
CA LEU C 174 23.66 9.77 1.70
C LEU C 174 23.97 9.57 0.22
N LEU C 175 23.01 9.11 -0.56
CA LEU C 175 23.22 8.86 -1.98
C LEU C 175 22.76 10.07 -2.79
N PRO C 176 21.54 10.61 -2.58
CA PRO C 176 21.14 11.75 -3.42
C PRO C 176 21.65 13.06 -2.81
N GLN C 177 22.96 13.14 -2.63
CA GLN C 177 23.57 14.32 -2.04
C GLN C 177 24.85 14.68 -2.79
N GLY C 178 25.20 15.96 -2.75
CA GLY C 178 26.43 16.48 -3.31
C GLY C 178 27.11 17.36 -2.27
N ILE C 179 26.46 17.47 -1.11
CA ILE C 179 26.95 18.32 -0.03
C ILE C 179 28.21 17.73 0.58
N SER C 180 28.39 16.42 0.49
CA SER C 180 29.59 15.75 0.98
C SER C 180 29.87 14.59 0.11
N PRO C 181 30.75 14.66 -0.89
CA PRO C 181 31.05 13.54 -1.76
C PRO C 181 31.65 12.35 -1.03
N VAL C 182 32.30 12.56 0.12
CA VAL C 182 32.95 11.45 0.80
C VAL C 182 31.95 10.64 1.63
N SER C 183 30.93 11.29 2.21
CA SER C 183 29.80 10.56 2.77
C SER C 183 29.20 9.61 1.73
N GLN C 184 28.88 10.15 0.55
CA GLN C 184 28.33 9.34 -0.53
C GLN C 184 29.29 8.22 -0.92
N HIS C 185 30.59 8.52 -0.94
CA HIS C 185 31.58 7.50 -1.27
C HIS C 185 31.57 6.38 -0.24
N TRP C 186 31.48 6.72 1.04
CA TRP C 186 31.43 5.70 2.09
C TRP C 186 30.15 4.86 1.98
N ALA C 187 29.03 5.50 1.68
CA ALA C 187 27.78 4.77 1.50
C ALA C 187 27.87 3.79 0.35
N THR C 188 28.39 4.26 -0.80
CA THR C 188 28.55 3.37 -1.95
C THR C 188 29.54 2.27 -1.64
N TRP C 189 30.60 2.57 -0.89
CA TRP C 189 31.55 1.53 -0.50
C TRP C 189 30.87 0.46 0.33
N ALA C 190 30.09 0.86 1.32
CA ALA C 190 29.38 -0.09 2.16
C ALA C 190 28.47 -0.98 1.33
N LEU C 191 27.66 -0.37 0.47
CA LEU C 191 26.77 -1.14 -0.40
C LEU C 191 27.56 -2.10 -1.27
N TYR C 192 28.69 -1.63 -1.83
CA TYR C 192 29.47 -2.46 -2.74
C TYR C 192 30.04 -3.66 -2.02
N ASN C 193 30.66 -3.45 -0.86
CA ASN C 193 31.21 -4.54 -0.08
C ASN C 193 30.13 -5.55 0.29
N LEU C 194 29.00 -5.06 0.80
CA LEU C 194 28.00 -5.96 1.38
C LEU C 194 27.25 -6.74 0.30
N VAL C 195 27.13 -6.19 -0.91
CA VAL C 195 26.52 -6.97 -1.99
C VAL C 195 27.53 -7.80 -2.78
N SER C 196 28.81 -7.41 -2.79
CA SER C 196 29.85 -8.23 -3.39
C SER C 196 30.07 -9.51 -2.60
N VAL C 197 29.95 -9.45 -1.26
CA VAL C 197 30.34 -10.57 -0.43
C VAL C 197 29.15 -11.24 0.28
N TYR C 198 28.06 -10.51 0.55
CA TYR C 198 26.82 -11.11 1.04
C TYR C 198 25.68 -10.75 0.09
N PRO C 199 25.66 -11.31 -1.12
CA PRO C 199 24.62 -10.94 -2.08
C PRO C 199 23.22 -11.43 -1.69
N ASP C 200 23.12 -12.69 -1.27
CA ASP C 200 21.83 -13.33 -1.03
C ASP C 200 21.00 -12.60 0.03
N LYS C 201 21.67 -11.95 0.98
CA LYS C 201 21.03 -11.29 2.11
C LYS C 201 20.77 -9.80 1.82
N TYR C 202 21.66 -9.11 1.07
CA TYR C 202 21.60 -7.65 0.98
C TYR C 202 21.17 -7.09 -0.38
N CYS C 203 21.23 -7.84 -1.48
CA CYS C 203 20.77 -7.24 -2.73
C CYS C 203 19.26 -7.24 -2.90
N PRO C 204 18.54 -8.25 -2.37
CA PRO C 204 17.09 -8.10 -2.27
C PRO C 204 16.69 -6.88 -1.47
N LEU C 205 17.37 -6.61 -0.36
CA LEU C 205 17.08 -5.42 0.43
C LEU C 205 17.43 -4.16 -0.35
N LEU C 206 18.54 -4.17 -1.09
CA LEU C 206 18.95 -2.97 -1.83
C LEU C 206 17.93 -2.64 -2.93
N ILE C 207 17.54 -3.64 -3.72
CA ILE C 207 16.45 -3.47 -4.66
C ILE C 207 15.19 -2.99 -3.95
N LYS C 208 14.89 -3.65 -2.82
CA LYS C 208 13.68 -3.40 -2.04
C LYS C 208 13.49 -1.91 -1.75
N GLU C 209 14.50 -1.26 -1.19
CA GLU C 209 14.40 0.14 -0.82
C GLU C 209 14.76 1.07 -1.96
N GLY C 210 14.91 0.55 -3.18
CA GLY C 210 15.15 1.40 -4.34
C GLY C 210 16.54 2.00 -4.42
N GLY C 211 17.57 1.20 -4.15
CA GLY C 211 18.94 1.71 -4.22
C GLY C 211 19.48 1.85 -5.62
N MET C 212 19.08 0.96 -6.53
CA MET C 212 19.61 1.00 -7.89
C MET C 212 19.25 2.30 -8.63
N PRO C 213 18.02 2.82 -8.56
CA PRO C 213 17.76 4.12 -9.19
C PRO C 213 18.66 5.23 -8.69
N LEU C 214 19.05 5.23 -7.42
CA LEU C 214 19.91 6.30 -6.91
C LEU C 214 21.33 6.15 -7.44
N LEU C 215 21.82 4.91 -7.53
CA LEU C 215 23.13 4.67 -8.12
C LEU C 215 23.17 5.15 -9.56
N ARG C 216 22.11 4.85 -10.32
CA ARG C 216 22.01 5.35 -11.69
C ARG C 216 21.90 6.87 -11.74
N ASP C 217 21.13 7.49 -10.83
CA ASP C 217 20.97 8.95 -10.85
C ASP C 217 22.32 9.63 -10.70
N ILE C 218 23.16 9.09 -9.84
CA ILE C 218 24.48 9.60 -9.53
C ILE C 218 25.58 9.15 -10.47
N ILE C 219 25.37 8.13 -11.32
CA ILE C 219 26.37 7.93 -12.37
C ILE C 219 26.33 9.08 -13.37
N LYS C 220 25.19 9.78 -13.44
CA LYS C 220 24.94 10.96 -14.29
C LYS C 220 25.09 12.26 -13.49
N MET C 221 25.85 12.19 -12.37
CA MET C 221 26.15 13.24 -11.37
C MET C 221 27.46 13.94 -11.67
N ALA C 222 27.45 15.27 -11.75
CA ALA C 222 28.74 15.94 -11.91
C ALA C 222 29.55 15.97 -10.62
N THR C 223 28.89 16.10 -9.46
CA THR C 223 29.62 16.22 -8.19
C THR C 223 30.33 14.94 -7.77
N ALA C 224 30.04 13.80 -8.39
CA ALA C 224 30.55 12.52 -7.91
C ALA C 224 31.98 12.26 -8.41
N ARG C 225 32.82 11.75 -7.50
CA ARG C 225 34.11 11.24 -7.92
C ARG C 225 33.86 9.99 -8.76
N GLN C 226 34.74 9.76 -9.74
CA GLN C 226 34.42 8.71 -10.69
C GLN C 226 34.50 7.32 -10.06
N GLU C 227 35.07 7.19 -8.87
CA GLU C 227 35.03 5.89 -8.20
C GLU C 227 33.68 5.65 -7.55
N THR C 228 32.95 6.71 -7.19
CA THR C 228 31.58 6.51 -6.77
C THR C 228 30.73 6.02 -7.93
N LYS C 229 30.99 6.52 -9.13
CA LYS C 229 30.25 6.05 -10.30
C LYS C 229 30.69 4.65 -10.72
N GLU C 230 31.99 4.38 -10.64
CA GLU C 230 32.50 3.03 -10.89
C GLU C 230 31.88 2.02 -9.92
N MET C 231 31.96 2.30 -8.62
CA MET C 231 31.43 1.37 -7.63
C MET C 231 29.91 1.29 -7.70
N ALA C 232 29.23 2.40 -8.03
CA ALA C 232 27.79 2.34 -8.19
C ALA C 232 27.44 1.46 -9.38
N ARG C 233 28.18 1.57 -10.48
CA ARG C 233 27.90 0.71 -11.61
C ARG C 233 28.21 -0.75 -11.29
N LYS C 234 29.24 -1.00 -10.45
CA LYS C 234 29.60 -2.38 -10.13
C LYS C 234 28.62 -3.01 -9.15
N VAL C 235 28.04 -2.20 -8.24
CA VAL C 235 26.94 -2.69 -7.41
C VAL C 235 25.72 -2.97 -8.26
N ILE C 236 25.43 -2.09 -9.21
CA ILE C 236 24.30 -2.31 -10.10
C ILE C 236 24.49 -3.62 -10.86
N GLU C 237 25.72 -3.90 -11.29
CA GLU C 237 25.96 -5.12 -12.06
C GLU C 237 25.92 -6.36 -11.15
N HIS C 238 26.43 -6.25 -9.92
CA HIS C 238 26.34 -7.34 -8.98
C HIS C 238 24.89 -7.68 -8.63
N CYS C 239 24.07 -6.64 -8.44
CA CYS C 239 22.65 -6.85 -8.13
C CYS C 239 21.87 -7.33 -9.35
N SER C 240 22.25 -6.87 -10.55
CA SER C 240 21.53 -7.27 -11.76
C SER C 240 21.81 -8.73 -12.12
N ASN C 241 23.05 -9.19 -11.91
CA ASN C 241 23.30 -10.62 -12.13
C ASN C 241 22.60 -11.48 -11.09
N PHE C 242 22.17 -10.89 -9.97
CA PHE C 242 21.44 -11.60 -8.93
C PHE C 242 19.98 -11.80 -9.35
N THR D 1 -9.75 9.67 -19.86
CA THR D 1 -9.06 9.08 -18.72
C THR D 1 -9.79 9.38 -17.42
N PHE D 2 -9.45 8.59 -16.40
CA PHE D 2 -10.06 8.74 -15.08
C PHE D 2 -9.18 8.02 -14.08
N LEU D 3 -9.52 8.20 -12.80
CA LEU D 3 -8.95 7.39 -11.73
C LEU D 3 -9.84 7.56 -10.51
N HIS D 4 -10.34 6.46 -9.96
CA HIS D 4 -11.03 6.48 -8.68
C HIS D 4 -10.31 5.45 -7.82
N LYS D 5 -9.67 5.94 -6.76
CA LYS D 5 -8.98 5.05 -5.84
C LYS D 5 -9.88 4.77 -4.67
N MET D 6 -9.63 3.63 -4.03
CA MET D 6 -10.59 3.06 -3.09
C MET D 6 -10.82 3.95 -1.87
N GLY D 7 -9.81 4.74 -1.47
CA GLY D 7 -10.01 5.68 -0.38
C GLY D 7 -11.18 6.61 -0.58
N PHE D 8 -11.47 6.97 -1.84
CA PHE D 8 -12.59 7.87 -2.12
C PHE D 8 -13.89 7.26 -1.65
N VAL D 9 -14.07 5.95 -1.84
CA VAL D 9 -15.26 5.28 -1.34
C VAL D 9 -15.45 5.63 0.12
N VAL D 10 -14.36 5.52 0.89
CA VAL D 10 -14.44 5.76 2.33
C VAL D 10 -15.06 7.13 2.59
N THR D 11 -14.54 8.15 1.89
CA THR D 11 -14.95 9.52 2.18
C THR D 11 -16.46 9.67 2.07
N MET D 12 -17.07 9.04 1.07
CA MET D 12 -18.49 9.27 0.88
C MET D 12 -19.33 8.68 2.00
N LEU D 13 -19.01 7.47 2.46
CA LEU D 13 -19.75 6.88 3.57
C LEU D 13 -19.41 7.61 4.86
N LYS D 14 -18.24 8.31 4.84
CA LYS D 14 -17.87 9.24 5.92
C LYS D 14 -18.84 10.39 5.92
N LEU D 15 -18.95 11.05 4.77
CA LEU D 15 -19.77 12.24 4.63
C LEU D 15 -21.25 11.91 4.78
N ILE D 16 -21.69 10.80 4.17
CA ILE D 16 -23.08 10.38 4.29
C ILE D 16 -23.44 10.27 5.76
N GLN D 17 -22.55 9.65 6.54
CA GLN D 17 -22.88 9.45 7.94
C GLN D 17 -23.17 10.77 8.63
N LYS D 18 -22.36 11.82 8.39
CA LYS D 18 -22.67 13.13 8.96
C LYS D 18 -24.04 13.57 8.56
N LYS D 19 -24.30 13.65 7.28
CA LYS D 19 -25.58 14.21 7.00
C LYS D 19 -26.68 13.18 7.03
N LEU D 20 -26.33 11.95 7.41
CA LEU D 20 -27.37 11.04 7.88
C LEU D 20 -27.68 11.30 9.36
N LEU D 21 -26.68 11.66 10.18
CA LEU D 21 -26.95 11.93 11.59
C LEU D 21 -27.64 13.27 11.81
N ASP D 22 -27.49 14.22 10.90
CA ASP D 22 -28.30 15.44 10.95
C ASP D 22 -29.55 15.33 10.09
N LYS D 23 -29.70 14.19 9.41
CA LYS D 23 -30.84 13.92 8.53
C LYS D 23 -31.09 15.08 7.58
N THR D 24 -30.07 15.39 6.81
CA THR D 24 -30.14 16.44 5.79
C THR D 24 -29.64 15.79 4.52
N CYS D 25 -30.57 15.54 3.59
CA CYS D 25 -30.23 15.00 2.29
C CYS D 25 -30.09 16.14 1.29
N ASP D 26 -28.98 16.86 1.42
CA ASP D 26 -28.79 17.97 0.52
C ASP D 26 -28.30 17.41 -0.81
N GLN D 27 -28.20 18.29 -1.81
CA GLN D 27 -27.72 17.88 -3.12
C GLN D 27 -26.40 17.13 -3.02
N VAL D 28 -25.54 17.54 -2.07
CA VAL D 28 -24.24 16.90 -1.93
C VAL D 28 -24.36 15.45 -1.46
N MET D 29 -25.44 15.09 -0.76
CA MET D 29 -25.57 13.70 -0.30
C MET D 29 -26.13 12.81 -1.40
N GLU D 30 -27.16 13.27 -2.12
CA GLU D 30 -27.61 12.51 -3.30
C GLU D 30 -26.47 12.35 -4.29
N PHE D 31 -25.60 13.37 -4.39
CA PHE D 31 -24.34 13.15 -5.09
C PHE D 31 -23.42 12.15 -4.45
N SER D 32 -23.28 12.18 -3.14
CA SER D 32 -22.43 11.19 -2.52
C SER D 32 -22.83 9.79 -2.96
N TRP D 33 -24.13 9.52 -2.95
CA TRP D 33 -24.61 8.21 -3.38
C TRP D 33 -24.40 8.02 -4.89
N SER D 34 -24.63 9.07 -5.69
CA SER D 34 -24.36 8.99 -7.13
C SER D 34 -22.89 8.72 -7.41
N ALA D 35 -22.02 9.30 -6.60
CA ALA D 35 -20.58 9.09 -6.74
C ALA D 35 -20.21 7.67 -6.37
N LEU D 36 -20.78 7.15 -5.29
CA LEU D 36 -20.55 5.75 -4.96
C LEU D 36 -21.02 4.85 -6.08
N TRP D 37 -22.21 5.13 -6.61
CA TRP D 37 -22.74 4.43 -7.77
C TRP D 37 -21.75 4.42 -8.93
N ASN D 38 -21.22 5.59 -9.29
CA ASN D 38 -20.28 5.70 -10.40
C ASN D 38 -18.97 4.97 -10.11
N ILE D 39 -18.47 5.06 -8.87
CA ILE D 39 -17.20 4.43 -8.52
C ILE D 39 -17.33 2.91 -8.56
N THR D 40 -18.55 2.40 -8.42
CA THR D 40 -18.77 0.95 -8.40
C THR D 40 -18.87 0.33 -9.78
N ASP D 41 -18.99 1.13 -10.84
CA ASP D 41 -19.19 0.55 -12.16
C ASP D 41 -17.99 -0.29 -12.57
N GLU D 42 -18.21 -1.59 -12.76
CA GLU D 42 -17.17 -2.54 -13.20
C GLU D 42 -15.90 -2.46 -12.35
N THR D 43 -16.04 -2.21 -11.04
CA THR D 43 -14.88 -2.17 -10.15
C THR D 43 -15.24 -2.90 -8.86
N PRO D 44 -14.99 -4.21 -8.80
CA PRO D 44 -15.40 -4.99 -7.62
C PRO D 44 -14.73 -4.56 -6.32
N ASP D 45 -13.51 -4.02 -6.39
CA ASP D 45 -12.81 -3.65 -5.16
C ASP D 45 -13.54 -2.55 -4.40
N ASN D 46 -14.12 -1.58 -5.12
CA ASN D 46 -14.80 -0.48 -4.44
C ASN D 46 -16.18 -0.88 -3.93
N CYS D 47 -16.84 -1.84 -4.59
CA CYS D 47 -18.03 -2.43 -3.98
C CYS D 47 -17.65 -3.23 -2.74
N GLU D 48 -16.47 -3.86 -2.76
CA GLU D 48 -15.96 -4.54 -1.58
C GLU D 48 -15.79 -3.56 -0.43
N MET D 49 -15.24 -2.38 -0.69
CA MET D 49 -15.06 -1.44 0.42
C MET D 49 -16.37 -0.76 0.82
N PHE D 50 -17.34 -0.64 -0.10
CA PHE D 50 -18.67 -0.22 0.31
C PHE D 50 -19.27 -1.23 1.29
N LEU D 51 -19.15 -2.52 0.97
CA LEU D 51 -19.66 -3.56 1.85
C LEU D 51 -18.92 -3.57 3.19
N ASN D 52 -17.59 -3.48 3.14
CA ASN D 52 -16.77 -3.61 4.34
C ASN D 52 -16.81 -2.36 5.21
N PHE D 53 -17.24 -1.23 4.64
CA PHE D 53 -17.45 0.03 5.34
C PHE D 53 -18.92 0.21 5.76
N ASN D 54 -19.51 -0.85 6.34
CA ASN D 54 -20.94 -1.03 6.68
C ASN D 54 -21.83 -0.32 5.68
N GLY D 55 -21.66 -0.62 4.39
CA GLY D 55 -22.47 0.09 3.43
C GLY D 55 -23.95 -0.28 3.44
N MET D 56 -24.25 -1.54 3.76
CA MET D 56 -25.63 -2.01 3.73
C MET D 56 -26.49 -1.34 4.79
N LYS D 57 -25.86 -1.05 5.93
CA LYS D 57 -26.50 -0.46 7.09
C LYS D 57 -26.97 0.97 6.80
N LEU D 58 -26.11 1.78 6.15
CA LEU D 58 -26.50 3.12 5.72
C LEU D 58 -27.45 3.04 4.53
N PHE D 59 -27.35 1.97 3.72
CA PHE D 59 -28.39 1.73 2.71
C PHE D 59 -29.76 1.68 3.39
N LEU D 60 -29.90 0.82 4.40
CA LEU D 60 -31.19 0.65 5.07
C LEU D 60 -31.63 1.95 5.76
N ASP D 61 -30.69 2.62 6.43
CA ASP D 61 -31.04 3.80 7.20
C ASP D 61 -31.40 4.98 6.32
N CYS D 62 -30.76 5.10 5.15
CA CYS D 62 -31.12 6.16 4.21
C CYS D 62 -32.37 5.81 3.42
N LEU D 63 -32.67 4.52 3.27
CA LEU D 63 -33.96 4.13 2.74
C LEU D 63 -35.09 4.63 3.64
N LYS D 64 -35.00 4.36 4.94
CA LYS D 64 -36.14 4.73 5.79
C LYS D 64 -36.15 6.21 6.17
N GLU D 65 -34.98 6.82 6.39
CA GLU D 65 -34.94 8.19 6.90
C GLU D 65 -35.25 9.23 5.83
N PHE D 66 -35.11 8.89 4.56
CA PHE D 66 -35.44 9.78 3.45
C PHE D 66 -36.32 8.98 2.51
N PRO D 67 -37.61 8.82 2.84
CA PRO D 67 -38.43 7.83 2.15
C PRO D 67 -38.84 8.19 0.72
N GLU D 68 -38.89 9.46 0.36
CA GLU D 68 -39.32 9.80 -1.00
C GLU D 68 -38.41 10.83 -1.63
N LYS D 69 -37.11 10.67 -1.47
CA LYS D 69 -36.15 11.44 -2.25
C LYS D 69 -35.73 10.47 -3.35
N GLN D 70 -36.56 10.45 -4.40
CA GLN D 70 -36.52 9.38 -5.39
C GLN D 70 -35.13 9.15 -5.95
N GLU D 71 -34.42 10.22 -6.28
CA GLU D 71 -33.12 10.08 -6.92
C GLU D 71 -32.07 9.57 -5.93
N LEU D 72 -32.28 9.78 -4.62
CA LEU D 72 -31.47 9.10 -3.62
C LEU D 72 -31.66 7.58 -3.75
N HIS D 73 -32.92 7.13 -3.79
CA HIS D 73 -33.20 5.72 -3.97
C HIS D 73 -32.65 5.23 -5.31
N ARG D 74 -32.80 6.05 -6.36
CA ARG D 74 -32.22 5.77 -7.66
C ARG D 74 -30.75 5.41 -7.54
N ASN D 75 -29.96 6.32 -6.95
CA ASN D 75 -28.53 6.11 -6.85
C ASN D 75 -28.20 4.89 -6.00
N MET D 76 -28.88 4.72 -4.87
CA MET D 76 -28.59 3.59 -3.99
C MET D 76 -28.84 2.26 -4.69
N LEU D 77 -29.95 2.15 -5.43
CA LEU D 77 -30.25 0.89 -6.07
C LEU D 77 -29.34 0.62 -7.26
N GLY D 78 -28.88 1.69 -7.95
CA GLY D 78 -27.85 1.49 -8.97
C GLY D 78 -26.54 0.99 -8.39
N LEU D 79 -26.12 1.59 -7.27
CA LEU D 79 -24.95 1.11 -6.55
C LEU D 79 -25.07 -0.38 -6.20
N LEU D 80 -26.23 -0.76 -5.67
CA LEU D 80 -26.40 -2.16 -5.26
C LEU D 80 -26.47 -3.09 -6.46
N GLY D 81 -26.97 -2.60 -7.61
CA GLY D 81 -26.85 -3.38 -8.83
C GLY D 81 -25.40 -3.63 -9.20
N ASN D 82 -24.57 -2.59 -9.11
CA ASN D 82 -23.15 -2.76 -9.40
C ASN D 82 -22.49 -3.78 -8.47
N VAL D 83 -22.83 -3.75 -7.17
CA VAL D 83 -22.21 -4.73 -6.28
C VAL D 83 -22.75 -6.14 -6.55
N ALA D 84 -24.01 -6.25 -7.04
CA ALA D 84 -24.58 -7.57 -7.29
C ALA D 84 -23.96 -8.26 -8.51
N GLU D 85 -23.33 -7.51 -9.40
CA GLU D 85 -22.72 -8.10 -10.60
C GLU D 85 -21.46 -8.87 -10.29
N VAL D 86 -20.99 -8.81 -9.05
CA VAL D 86 -19.78 -9.51 -8.64
C VAL D 86 -20.17 -10.78 -7.91
N LYS D 87 -19.84 -11.92 -8.52
CA LYS D 87 -20.22 -13.19 -7.94
C LYS D 87 -19.63 -13.38 -6.53
N GLU D 88 -18.43 -12.85 -6.24
CA GLU D 88 -17.81 -13.18 -4.95
C GLU D 88 -18.66 -12.64 -3.83
N LEU D 89 -19.31 -11.51 -4.12
CA LEU D 89 -19.87 -10.64 -3.12
C LEU D 89 -21.36 -10.84 -2.94
N ARG D 90 -21.98 -11.64 -3.79
CA ARG D 90 -23.41 -11.88 -3.69
C ARG D 90 -23.77 -12.69 -2.46
N PRO D 91 -22.88 -13.56 -1.93
CA PRO D 91 -23.20 -14.20 -0.64
C PRO D 91 -23.52 -13.24 0.49
N GLN D 92 -22.90 -12.07 0.51
CA GLN D 92 -23.16 -11.14 1.60
C GLN D 92 -24.52 -10.47 1.49
N LEU D 93 -25.19 -10.60 0.35
CA LEU D 93 -26.52 -10.04 0.15
C LEU D 93 -27.62 -11.07 0.35
N MET D 94 -27.27 -12.27 0.83
CA MET D 94 -28.27 -13.30 1.07
C MET D 94 -28.53 -13.41 2.57
N THR D 95 -29.25 -12.39 3.03
CA THR D 95 -29.96 -12.40 4.29
C THR D 95 -31.39 -12.03 3.95
N SER D 96 -32.35 -12.61 4.67
CA SER D 96 -33.75 -12.50 4.26
C SER D 96 -34.29 -11.09 4.39
N GLN D 97 -33.64 -10.22 5.17
CA GLN D 97 -34.06 -8.82 5.21
C GLN D 97 -33.53 -8.05 4.00
N PHE D 98 -32.29 -8.33 3.58
CA PHE D 98 -31.76 -7.71 2.36
C PHE D 98 -32.63 -8.07 1.17
N ILE D 99 -32.92 -9.36 1.00
CA ILE D 99 -33.76 -9.83 -0.09
C ILE D 99 -35.18 -9.30 0.11
N SER D 100 -35.56 -9.12 1.38
CA SER D 100 -36.86 -8.54 1.68
C SER D 100 -37.00 -7.17 1.05
N VAL D 101 -36.08 -6.25 1.38
CA VAL D 101 -36.22 -4.91 0.85
C VAL D 101 -36.07 -4.91 -0.68
N PHE D 102 -35.15 -5.71 -1.22
CA PHE D 102 -35.00 -5.82 -2.67
C PHE D 102 -36.30 -6.21 -3.38
N SER D 103 -36.82 -7.41 -3.10
CA SER D 103 -38.03 -7.77 -3.83
C SER D 103 -39.20 -6.90 -3.43
N ASN D 104 -39.16 -6.33 -2.23
CA ASN D 104 -40.31 -5.60 -1.79
C ASN D 104 -40.35 -4.26 -2.49
N LEU D 105 -39.20 -3.80 -2.95
CA LEU D 105 -39.03 -2.65 -3.81
C LEU D 105 -39.00 -3.03 -5.27
N LEU D 106 -39.31 -4.30 -5.58
CA LEU D 106 -39.58 -4.67 -6.97
C LEU D 106 -40.89 -3.99 -7.39
N ALA D 110 -39.23 6.00 -6.84
CA ALA D 110 -38.81 5.54 -8.16
C ALA D 110 -39.04 6.65 -9.19
N ASP D 111 -38.11 6.81 -10.14
CA ASP D 111 -38.29 7.86 -11.13
C ASP D 111 -38.29 7.29 -12.54
N GLY D 112 -39.33 6.51 -12.81
CA GLY D 112 -39.49 5.82 -14.06
C GLY D 112 -39.53 4.35 -13.73
N ILE D 113 -38.50 3.57 -14.07
CA ILE D 113 -38.41 2.19 -13.60
C ILE D 113 -37.32 2.07 -12.57
N GLU D 114 -36.51 3.11 -12.41
CA GLU D 114 -35.13 2.93 -12.00
C GLU D 114 -35.00 2.06 -10.76
N VAL D 115 -35.80 2.33 -9.74
CA VAL D 115 -35.58 1.66 -8.47
C VAL D 115 -35.87 0.16 -8.56
N SER D 116 -37.03 -0.18 -9.07
CA SER D 116 -37.39 -1.58 -9.16
C SER D 116 -36.79 -2.27 -10.41
N TYR D 117 -36.39 -1.50 -11.45
CA TYR D 117 -35.52 -2.09 -12.49
C TYR D 117 -34.20 -2.54 -11.86
N ASN D 118 -33.64 -1.72 -10.97
CA ASN D 118 -32.39 -2.09 -10.30
C ASN D 118 -32.60 -3.22 -9.31
N ALA D 119 -33.74 -3.20 -8.60
CA ALA D 119 -34.07 -4.32 -7.71
C ALA D 119 -34.14 -5.63 -8.49
N CYS D 120 -34.72 -5.57 -9.69
CA CYS D 120 -34.85 -6.78 -10.51
C CYS D 120 -33.50 -7.19 -11.09
N GLY D 121 -32.62 -6.23 -11.33
CA GLY D 121 -31.27 -6.60 -11.76
C GLY D 121 -30.47 -7.28 -10.66
N VAL D 122 -30.50 -6.72 -9.45
CA VAL D 122 -29.84 -7.38 -8.32
C VAL D 122 -30.40 -8.77 -8.10
N LEU D 123 -31.73 -8.92 -8.13
CA LEU D 123 -32.31 -10.22 -7.84
C LEU D 123 -32.09 -11.21 -8.97
N SER D 124 -32.02 -10.74 -10.22
CA SER D 124 -31.74 -11.66 -11.32
C SER D 124 -30.29 -12.13 -11.25
N HIS D 125 -29.38 -11.23 -10.89
CA HIS D 125 -28.01 -11.64 -10.69
C HIS D 125 -27.87 -12.61 -9.51
N ILE D 126 -28.71 -12.50 -8.46
CA ILE D 126 -28.46 -13.48 -7.40
C ILE D 126 -29.05 -14.81 -7.86
N MET D 127 -30.15 -14.77 -8.62
CA MET D 127 -30.75 -16.04 -9.06
C MET D 127 -29.91 -16.75 -10.08
N PHE D 128 -28.97 -16.04 -10.72
CA PHE D 128 -28.08 -16.71 -11.66
C PHE D 128 -27.25 -17.77 -10.95
N ASP D 129 -27.02 -17.61 -9.65
CA ASP D 129 -26.17 -18.52 -8.89
C ASP D 129 -26.82 -19.84 -8.54
N GLY D 130 -28.12 -20.00 -8.77
CA GLY D 130 -28.73 -21.30 -8.62
C GLY D 130 -29.65 -21.38 -7.43
N PRO D 131 -30.48 -22.43 -7.41
CA PRO D 131 -31.34 -22.64 -6.24
C PRO D 131 -30.59 -23.10 -5.00
N GLU D 132 -29.44 -23.77 -5.16
CA GLU D 132 -28.65 -24.18 -4.00
C GLU D 132 -28.13 -22.97 -3.23
N ALA D 133 -27.77 -21.90 -3.92
CA ALA D 133 -27.13 -20.76 -3.29
C ALA D 133 -28.14 -19.78 -2.69
N TRP D 134 -29.40 -20.19 -2.57
CA TRP D 134 -30.44 -19.40 -1.92
C TRP D 134 -30.76 -20.11 -0.61
N GLY D 135 -29.94 -19.85 0.41
CA GLY D 135 -30.12 -20.48 1.69
C GLY D 135 -30.99 -19.68 2.64
N PRO D 139 -38.30 -14.07 2.55
CA PRO D 139 -39.06 -14.58 1.42
C PRO D 139 -38.47 -15.85 0.80
N GLN D 140 -39.18 -16.43 -0.17
CA GLN D 140 -38.82 -17.67 -0.80
C GLN D 140 -38.56 -17.41 -2.29
N ARG D 141 -37.74 -18.26 -2.91
CA ARG D 141 -37.13 -17.86 -4.18
C ARG D 141 -38.14 -17.74 -5.32
N GLU D 142 -39.10 -18.67 -5.43
CA GLU D 142 -40.03 -18.49 -6.53
C GLU D 142 -41.18 -17.54 -6.16
N GLU D 143 -41.31 -17.22 -4.86
CA GLU D 143 -42.14 -16.09 -4.46
C GLU D 143 -41.59 -14.80 -5.07
N VAL D 144 -40.28 -14.59 -4.96
CA VAL D 144 -39.73 -13.39 -5.57
C VAL D 144 -39.48 -13.61 -7.05
N GLU D 145 -39.57 -14.85 -7.54
CA GLU D 145 -39.65 -15.08 -8.98
C GLU D 145 -40.94 -14.51 -9.55
N GLU D 146 -42.08 -14.81 -8.91
CA GLU D 146 -43.31 -14.21 -9.39
C GLU D 146 -43.28 -12.70 -9.23
N ARG D 147 -42.72 -12.19 -8.12
CA ARG D 147 -42.68 -10.72 -8.00
C ARG D 147 -41.75 -10.07 -9.04
N MET D 148 -40.67 -10.74 -9.47
CA MET D 148 -39.83 -10.14 -10.51
C MET D 148 -40.50 -10.20 -11.88
N TRP D 149 -41.14 -11.35 -12.21
CA TRP D 149 -41.97 -11.41 -13.41
C TRP D 149 -43.02 -10.29 -13.39
N ALA D 150 -43.60 -10.04 -12.22
CA ALA D 150 -44.59 -8.98 -12.06
C ALA D 150 -43.98 -7.62 -12.36
N ALA D 151 -42.76 -7.38 -11.88
CA ALA D 151 -42.11 -6.09 -12.16
C ALA D 151 -41.87 -5.91 -13.65
N ILE D 152 -41.44 -6.98 -14.33
CA ILE D 152 -41.12 -6.88 -15.74
C ILE D 152 -42.37 -6.72 -16.60
N GLN D 153 -43.50 -7.19 -16.11
CA GLN D 153 -44.78 -6.95 -16.76
C GLN D 153 -45.48 -5.65 -16.35
N SER D 154 -44.99 -4.97 -15.29
CA SER D 154 -45.38 -3.59 -14.98
C SER D 154 -44.79 -2.57 -15.96
N TRP D 155 -43.48 -2.65 -16.25
CA TRP D 155 -42.75 -1.52 -16.81
C TRP D 155 -43.17 -1.19 -18.24
N ASP D 156 -43.29 0.10 -18.53
CA ASP D 156 -43.46 0.57 -19.90
C ASP D 156 -42.16 0.34 -20.65
N ILE D 157 -42.24 -0.34 -21.80
CA ILE D 157 -41.03 -0.80 -22.46
C ILE D 157 -40.34 0.30 -23.25
N ASN D 158 -40.98 1.42 -23.43
CA ASN D 158 -40.44 2.57 -24.16
C ASN D 158 -40.35 3.81 -23.29
N SER D 159 -40.38 3.59 -21.99
CA SER D 159 -40.00 4.61 -21.05
C SER D 159 -38.55 5.09 -21.23
N ARG D 160 -38.41 6.41 -21.08
CA ARG D 160 -37.27 7.30 -21.00
C ARG D 160 -36.54 6.98 -19.71
N ARG D 161 -35.21 7.06 -19.71
CA ARG D 161 -34.50 6.58 -18.54
C ARG D 161 -33.38 7.51 -18.08
N ASN D 162 -32.99 7.33 -16.83
CA ASN D 162 -31.85 8.02 -16.23
C ASN D 162 -30.85 6.97 -15.73
N ILE D 163 -30.24 6.27 -16.68
CA ILE D 163 -29.30 5.18 -16.43
C ILE D 163 -28.32 5.18 -17.60
N ASN D 164 -27.14 4.62 -17.38
CA ASN D 164 -26.13 4.52 -18.44
C ASN D 164 -25.41 3.20 -18.34
N TYR D 165 -25.13 2.61 -19.50
CA TYR D 165 -24.37 1.37 -19.63
C TYR D 165 -23.19 1.62 -20.53
N ARG D 166 -21.97 1.35 -20.05
CA ARG D 166 -20.83 1.38 -20.93
C ARG D 166 -20.57 0.04 -21.62
N SER D 167 -21.05 -1.07 -21.04
CA SER D 167 -21.02 -2.36 -21.71
C SER D 167 -22.20 -3.19 -21.20
N PHE D 168 -22.70 -4.06 -22.08
CA PHE D 168 -23.87 -4.91 -21.84
C PHE D 168 -23.46 -6.25 -21.27
N GLU D 169 -22.16 -6.39 -21.08
CA GLU D 169 -21.53 -7.60 -20.59
C GLU D 169 -22.19 -8.16 -19.32
N PRO D 170 -22.53 -7.34 -18.29
CA PRO D 170 -23.27 -7.91 -17.13
C PRO D 170 -24.61 -8.57 -17.46
N ILE D 171 -25.35 -8.03 -18.43
CA ILE D 171 -26.61 -8.62 -18.84
C ILE D 171 -26.44 -9.58 -19.99
N LEU D 172 -25.24 -9.65 -20.59
CA LEU D 172 -24.99 -10.61 -21.65
C LEU D 172 -24.47 -11.92 -21.12
N ARG D 173 -24.01 -11.96 -19.87
CA ARG D 173 -23.72 -13.26 -19.28
C ARG D 173 -24.94 -13.85 -18.55
N LEU D 174 -26.02 -13.10 -18.38
CA LEU D 174 -27.28 -13.65 -17.91
C LEU D 174 -28.15 -14.18 -19.03
N LEU D 175 -27.67 -14.09 -20.26
CA LEU D 175 -28.24 -14.67 -21.44
C LEU D 175 -27.38 -15.89 -21.82
N GLN D 177 -27.98 -18.80 -20.61
CA GLN D 177 -27.87 -19.49 -19.33
C GLN D 177 -29.20 -20.21 -19.12
N GLY D 178 -29.17 -21.25 -18.29
CA GLY D 178 -30.38 -22.00 -18.03
C GLY D 178 -30.68 -22.21 -16.56
N ILE D 179 -29.83 -21.69 -15.69
CA ILE D 179 -30.02 -21.93 -14.26
C ILE D 179 -31.25 -21.19 -13.76
N SER D 180 -31.60 -20.06 -14.38
CA SER D 180 -32.80 -19.29 -14.01
C SER D 180 -33.30 -18.56 -15.24
N PRO D 181 -34.37 -19.01 -15.90
CA PRO D 181 -34.89 -18.34 -17.09
C PRO D 181 -35.26 -16.88 -16.87
N VAL D 182 -35.49 -16.46 -15.63
CA VAL D 182 -35.88 -15.08 -15.41
C VAL D 182 -34.67 -14.16 -15.52
N SER D 183 -33.46 -14.68 -15.23
CA SER D 183 -32.27 -13.94 -15.64
C SER D 183 -32.36 -13.55 -17.11
N GLN D 184 -32.58 -14.54 -17.97
CA GLN D 184 -32.67 -14.29 -19.40
C GLN D 184 -33.78 -13.31 -19.72
N HIS D 185 -34.93 -13.44 -19.06
CA HIS D 185 -36.05 -12.54 -19.35
C HIS D 185 -35.73 -11.10 -18.98
N TRP D 186 -35.14 -10.87 -17.81
CA TRP D 186 -34.80 -9.50 -17.43
C TRP D 186 -33.73 -8.92 -18.32
N ALA D 187 -32.70 -9.71 -18.65
CA ALA D 187 -31.64 -9.22 -19.51
C ALA D 187 -32.18 -8.84 -20.89
N THR D 188 -32.99 -9.73 -21.49
CA THR D 188 -33.57 -9.44 -22.80
C THR D 188 -34.49 -8.24 -22.74
N TRP D 189 -35.28 -8.11 -21.66
CA TRP D 189 -36.14 -6.95 -21.51
C TRP D 189 -35.32 -5.68 -21.47
N ALA D 190 -34.24 -5.71 -20.70
CA ALA D 190 -33.36 -4.55 -20.60
C ALA D 190 -32.83 -4.14 -21.97
N LEU D 191 -32.27 -5.11 -22.68
CA LEU D 191 -31.75 -4.85 -24.02
C LEU D 191 -32.83 -4.28 -24.92
N TYR D 192 -34.02 -4.88 -24.88
CA TYR D 192 -35.09 -4.45 -25.78
C TYR D 192 -35.57 -3.05 -25.45
N ASN D 193 -35.78 -2.75 -24.17
CA ASN D 193 -36.21 -1.41 -23.81
C ASN D 193 -35.20 -0.39 -24.32
N LEU D 194 -33.91 -0.62 -24.05
CA LEU D 194 -32.93 0.42 -24.37
C LEU D 194 -32.61 0.49 -25.88
N VAL D 195 -32.74 -0.61 -26.62
CA VAL D 195 -32.53 -0.51 -28.06
C VAL D 195 -33.83 -0.16 -28.79
N SER D 196 -34.98 -0.42 -28.17
CA SER D 196 -36.22 0.12 -28.67
C SER D 196 -36.18 1.64 -28.58
N VAL D 197 -35.52 2.15 -27.54
CA VAL D 197 -35.64 3.58 -27.19
C VAL D 197 -34.35 4.35 -27.39
N TYR D 198 -33.19 3.81 -27.08
CA TYR D 198 -31.93 4.49 -27.35
C TYR D 198 -31.07 3.60 -28.24
N PRO D 199 -31.51 3.40 -29.49
CA PRO D 199 -30.77 2.48 -30.37
C PRO D 199 -29.42 3.01 -30.80
N ASP D 200 -29.34 4.29 -31.15
CA ASP D 200 -28.11 4.84 -31.71
C ASP D 200 -26.91 4.64 -30.78
N LYS D 201 -27.16 4.56 -29.48
CA LYS D 201 -26.08 4.40 -28.51
C LYS D 201 -25.83 2.95 -28.14
N TYR D 202 -26.88 2.13 -28.10
CA TYR D 202 -26.80 0.81 -27.48
C TYR D 202 -26.87 -0.36 -28.44
N CYS D 203 -27.30 -0.14 -29.69
CA CYS D 203 -27.26 -1.27 -30.60
C CYS D 203 -25.84 -1.48 -31.11
N PRO D 204 -25.04 -0.42 -31.31
CA PRO D 204 -23.58 -0.61 -31.45
C PRO D 204 -22.94 -1.31 -30.24
N LEU D 205 -23.38 -1.00 -29.04
CA LEU D 205 -22.82 -1.70 -27.89
C LEU D 205 -23.15 -3.19 -27.93
N LEU D 206 -24.37 -3.53 -28.35
CA LEU D 206 -24.77 -4.94 -28.39
C LEU D 206 -24.03 -5.69 -29.50
N ILE D 207 -23.98 -5.14 -30.72
CA ILE D 207 -23.23 -5.83 -31.78
C ILE D 207 -21.83 -6.07 -31.30
N LYS D 208 -21.30 -5.03 -30.66
CA LYS D 208 -19.92 -4.99 -30.22
C LYS D 208 -19.49 -6.28 -29.52
N GLU D 209 -20.22 -6.66 -28.50
CA GLU D 209 -19.87 -7.82 -27.69
C GLU D 209 -20.48 -9.12 -28.19
N GLY D 210 -21.02 -9.14 -29.42
CA GLY D 210 -21.50 -10.37 -30.01
C GLY D 210 -22.85 -10.83 -29.47
N GLY D 211 -23.80 -9.91 -29.35
CA GLY D 211 -25.11 -10.28 -28.81
C GLY D 211 -26.01 -11.05 -29.75
N MET D 212 -25.92 -10.81 -31.06
CA MET D 212 -26.84 -11.45 -32.00
C MET D 212 -26.77 -12.97 -32.00
N PRO D 213 -25.59 -13.62 -32.01
CA PRO D 213 -25.58 -15.08 -31.91
C PRO D 213 -26.22 -15.57 -30.63
N LEU D 214 -26.05 -14.84 -29.53
CA LEU D 214 -26.61 -15.27 -28.26
C LEU D 214 -28.13 -15.13 -28.26
N LEU D 215 -28.65 -14.07 -28.86
CA LEU D 215 -30.11 -13.95 -29.01
C LEU D 215 -30.67 -15.05 -29.92
N ARG D 216 -29.96 -15.36 -31.03
CA ARG D 216 -30.40 -16.52 -31.82
C ARG D 216 -30.46 -17.77 -30.98
N ASP D 217 -29.43 -17.99 -30.18
CA ASP D 217 -29.38 -19.15 -29.30
C ASP D 217 -30.52 -19.10 -28.28
N ILE D 218 -30.96 -17.90 -27.91
CA ILE D 218 -32.09 -17.80 -27.00
C ILE D 218 -33.37 -18.18 -27.70
N ILE D 219 -33.44 -17.96 -29.02
CA ILE D 219 -34.60 -18.40 -29.78
C ILE D 219 -34.61 -19.92 -29.94
N LYS D 220 -33.44 -20.55 -29.88
CA LYS D 220 -33.30 -21.99 -30.02
C LYS D 220 -33.05 -22.71 -28.69
N MET D 221 -33.35 -22.08 -27.57
CA MET D 221 -33.08 -22.64 -26.25
C MET D 221 -34.36 -23.19 -25.65
N ALA D 222 -34.33 -24.47 -25.25
CA ALA D 222 -35.52 -25.09 -24.69
C ALA D 222 -35.84 -24.54 -23.31
N THR D 223 -34.82 -24.21 -22.52
CA THR D 223 -35.03 -23.63 -21.20
C THR D 223 -35.61 -22.23 -21.28
N ALA D 224 -35.58 -21.59 -22.43
CA ALA D 224 -35.99 -20.20 -22.53
C ALA D 224 -37.50 -20.12 -22.63
N ARG D 225 -38.10 -19.22 -21.84
CA ARG D 225 -39.53 -18.96 -21.95
C ARG D 225 -39.82 -18.29 -23.27
N GLN D 226 -41.00 -18.57 -23.82
CA GLN D 226 -41.22 -18.11 -25.18
C GLN D 226 -41.44 -16.59 -25.27
N GLU D 227 -41.74 -15.85 -24.16
CA GLU D 227 -41.74 -14.41 -24.35
C GLU D 227 -40.30 -13.90 -24.33
N THR D 228 -39.36 -14.61 -23.69
CA THR D 228 -37.98 -14.16 -23.81
C THR D 228 -37.46 -14.36 -25.23
N LYS D 229 -37.87 -15.43 -25.90
CA LYS D 229 -37.50 -15.59 -27.30
C LYS D 229 -38.26 -14.59 -28.16
N GLU D 230 -39.48 -14.27 -27.74
CA GLU D 230 -40.26 -13.18 -28.30
C GLU D 230 -39.43 -11.90 -28.36
N MET D 231 -38.99 -11.44 -27.19
CA MET D 231 -38.25 -10.19 -27.15
C MET D 231 -36.88 -10.33 -27.81
N ALA D 232 -36.28 -11.54 -27.82
CA ALA D 232 -34.95 -11.70 -28.40
C ALA D 232 -34.97 -11.51 -29.91
N ARG D 233 -35.95 -12.14 -30.54
CA ARG D 233 -36.18 -12.03 -31.96
C ARG D 233 -36.58 -10.60 -32.34
N LYS D 234 -37.34 -9.90 -31.47
CA LYS D 234 -37.65 -8.51 -31.78
C LYS D 234 -36.44 -7.60 -31.57
N VAL D 235 -35.55 -7.97 -30.64
CA VAL D 235 -34.30 -7.25 -30.43
C VAL D 235 -33.38 -7.41 -31.64
N ILE D 236 -33.23 -8.64 -32.13
CA ILE D 236 -32.35 -8.87 -33.27
C ILE D 236 -32.84 -8.06 -34.47
N GLU D 237 -34.15 -8.07 -34.70
CA GLU D 237 -34.61 -7.39 -35.90
C GLU D 237 -34.51 -5.87 -35.72
N HIS D 238 -34.72 -5.37 -34.49
CA HIS D 238 -34.48 -3.96 -34.20
C HIS D 238 -33.02 -3.59 -34.42
N CYS D 239 -32.11 -4.50 -34.07
CA CYS D 239 -30.68 -4.25 -34.24
C CYS D 239 -30.30 -4.19 -35.71
N SER D 240 -30.95 -5.01 -36.54
CA SER D 240 -30.73 -4.93 -37.98
C SER D 240 -31.38 -3.69 -38.57
N ASN D 241 -32.48 -3.23 -37.99
CA ASN D 241 -33.16 -2.01 -38.43
C ASN D 241 -32.28 -0.78 -38.23
#